data_4C23
#
_entry.id   4C23
#
_cell.length_a   60.624
_cell.length_b   60.624
_cell.length_c   280.013
_cell.angle_alpha   90.00
_cell.angle_beta   90.00
_cell.angle_gamma   90.00
#
_symmetry.space_group_name_H-M   'P 43'
#
loop_
_entity.id
_entity.type
_entity.pdbx_description
1 polymer 'L-FUCULOSE KINASE FUCK'
2 non-polymer 1,2-ETHANEDIOL
3 water water
#
_entity_poly.entity_id   1
_entity_poly.type   'polypeptide(L)'
_entity_poly.pdbx_seq_one_letter_code
;LVPRGSHEAVLAIDLGATSGRAIVGYLSENKLVMEEINRFSNLPIRVKGHLSWDIDFLLAKILESIRLANTSYKILSIGI
DTWGVDFGLIDNEGKLLLQPVHYRDERTKGVLKEISEMTELEKLYSETGNQIMEINTLFQLFKARQESPDSFYKTNKILL
MPDLFNYLLTGKFATEKSIASTTQLFDPRSQNWNQNILKLFELDSSLLPEIVSEGNVLGRIKEEYGLGDIPVVNVCSHDT
ASAIVSVPKTEGSLFISSGTWSLVGVELTSPILTTESFSYGFTNEVGKDGVITFLKNCTGLWIIEELRRSFERRGKAYSF
DDIRTMVEKEKENLPLIDTESTEFATESDMHKTLTEYLAYHHETREWTDGQLFKIVYESLAETYRKAIELLEELTHKVYK
RIYVIGGGARASYFNQMIADRTGKEVLTGLTEATAVGNIVVQLIAMGQLKGMEEAHHVIEEFLQLESYYSQKN
;
_entity_poly.pdbx_strand_id   A,B
#
loop_
_chem_comp.id
_chem_comp.type
_chem_comp.name
_chem_comp.formula
EDO non-polymer 1,2-ETHANEDIOL 'C2 H6 O2'
#
# COMPACT_ATOMS: atom_id res chain seq x y z
N LEU A 1 12.64 -27.58 -39.33
CA LEU A 1 12.26 -26.66 -38.23
C LEU A 1 12.66 -27.24 -36.87
N VAL A 2 13.32 -26.41 -36.07
CA VAL A 2 13.91 -26.80 -34.80
C VAL A 2 12.92 -26.46 -33.71
N PRO A 3 12.70 -27.38 -32.77
CA PRO A 3 11.78 -27.10 -31.64
C PRO A 3 12.37 -26.40 -30.38
N ARG A 4 11.52 -25.60 -29.69
CA ARG A 4 11.80 -24.67 -28.54
C ARG A 4 10.90 -25.00 -27.27
N GLY A 5 10.75 -24.15 -26.20
CA GLY A 5 10.24 -24.60 -24.81
C GLY A 5 9.13 -24.18 -23.77
N SER A 6 9.51 -23.61 -22.59
CA SER A 6 8.85 -23.66 -21.18
C SER A 6 7.59 -22.78 -20.75
N HIS A 7 7.04 -23.03 -19.52
CA HIS A 7 5.68 -22.52 -19.04
C HIS A 7 5.53 -21.46 -17.89
N GLU A 8 4.74 -20.40 -18.13
CA GLU A 8 4.62 -19.29 -17.19
C GLU A 8 3.92 -19.58 -15.86
N ALA A 9 4.43 -19.02 -14.76
CA ALA A 9 4.02 -19.50 -13.44
C ALA A 9 4.31 -18.58 -12.28
N VAL A 10 3.92 -19.06 -11.12
CA VAL A 10 3.97 -18.28 -9.92
C VAL A 10 4.43 -19.23 -8.81
N LEU A 11 5.34 -18.79 -7.93
CA LEU A 11 5.89 -19.68 -6.90
C LEU A 11 5.33 -19.34 -5.53
N ALA A 12 4.66 -20.28 -4.88
CA ALA A 12 4.10 -20.06 -3.54
C ALA A 12 4.96 -20.75 -2.54
N ILE A 13 5.30 -20.02 -1.48
CA ILE A 13 6.08 -20.58 -0.40
C ILE A 13 5.23 -20.63 0.87
N ASP A 14 4.96 -21.83 1.36
CA ASP A 14 4.03 -22.02 2.47
C ASP A 14 4.85 -22.56 3.62
N LEU A 15 5.17 -21.69 4.57
CA LEU A 15 5.94 -22.09 5.73
C LEU A 15 5.00 -22.25 6.89
N GLY A 16 5.10 -23.42 7.51
CA GLY A 16 4.23 -23.78 8.58
C GLY A 16 5.06 -23.95 9.81
N ALA A 17 4.39 -24.10 10.92
CA ALA A 17 5.07 -24.21 12.21
C ALA A 17 5.93 -25.47 12.37
N THR A 18 5.66 -26.49 11.57
CA THR A 18 6.36 -27.79 11.67
C THR A 18 6.95 -28.20 10.31
N SER A 19 6.27 -27.87 9.23
CA SER A 19 6.84 -28.11 7.88
C SER A 19 6.58 -26.97 6.90
N GLY A 20 7.42 -26.94 5.86
CA GLY A 20 7.28 -26.02 4.74
C GLY A 20 7.15 -26.69 3.39
N ARG A 21 6.55 -25.98 2.43
CA ARG A 21 6.40 -26.47 1.06
C ARG A 21 6.56 -25.36 0.09
N ALA A 22 7.06 -25.70 -1.09
CA ALA A 22 7.06 -24.82 -2.22
C ALA A 22 6.17 -25.43 -3.29
N ILE A 23 5.20 -24.62 -3.74
CA ILE A 23 4.23 -25.03 -4.76
C ILE A 23 4.22 -24.07 -5.94
N VAL A 24 4.35 -24.62 -7.14
CA VAL A 24 4.23 -23.88 -8.37
C VAL A 24 2.79 -24.03 -8.82
N GLY A 25 2.21 -22.97 -9.36
CA GLY A 25 0.92 -22.99 -10.00
C GLY A 25 0.95 -22.11 -11.23
N TYR A 26 0.14 -22.43 -12.25
CA TYR A 26 0.17 -21.68 -13.53
C TYR A 26 -1.14 -21.90 -14.30
N LEU A 27 -1.45 -21.04 -15.28
CA LEU A 27 -2.67 -21.28 -16.07
C LEU A 27 -2.32 -22.17 -17.26
N SER A 28 -3.16 -23.19 -17.46
CA SER A 28 -2.94 -24.23 -18.47
C SER A 28 -4.30 -24.62 -19.07
N GLU A 29 -4.58 -24.04 -20.24
CA GLU A 29 -5.87 -24.21 -20.92
C GLU A 29 -6.97 -23.54 -20.08
N ASN A 30 -6.68 -22.33 -19.62
CA ASN A 30 -7.54 -21.54 -18.73
C ASN A 30 -7.92 -22.24 -17.41
N LYS A 31 -7.29 -23.38 -17.13
CA LYS A 31 -7.41 -24.07 -15.86
C LYS A 31 -6.16 -23.89 -14.98
N LEU A 32 -6.35 -23.85 -13.66
CA LEU A 32 -5.22 -23.80 -12.69
C LEU A 32 -4.55 -25.16 -12.48
N VAL A 33 -3.24 -25.21 -12.70
CA VAL A 33 -2.47 -26.42 -12.38
C VAL A 33 -1.42 -26.06 -11.32
N MET A 34 -1.22 -26.98 -10.39
CA MET A 34 -0.34 -26.77 -9.24
C MET A 34 0.54 -27.98 -8.95
N GLU A 35 1.86 -27.77 -9.05
CA GLU A 35 2.83 -28.81 -8.79
C GLU A 35 3.65 -28.46 -7.56
N GLU A 36 3.67 -29.37 -6.59
CA GLU A 36 4.55 -29.25 -5.46
C GLU A 36 5.98 -29.65 -5.81
N ILE A 37 6.93 -28.75 -5.56
CA ILE A 37 8.29 -29.00 -6.04
C ILE A 37 9.37 -29.09 -4.96
N ASN A 38 9.02 -28.89 -3.70
CA ASN A 38 9.97 -28.97 -2.61
C ASN A 38 9.18 -29.00 -1.32
N ARG A 39 9.64 -29.75 -0.34
CA ARG A 39 8.95 -29.85 0.96
C ARG A 39 9.99 -30.11 2.00
N PHE A 40 9.78 -29.64 3.21
CA PHE A 40 10.87 -29.73 4.19
C PHE A 40 10.40 -29.57 5.63
N SER A 41 11.29 -29.91 6.56
CA SER A 41 11.07 -29.66 7.99
C SER A 41 11.37 -28.22 8.40
N ASN A 42 10.75 -27.80 9.51
CA ASN A 42 10.91 -26.50 10.14
C ASN A 42 11.08 -26.88 11.59
N LEU A 43 12.30 -27.23 11.93
CA LEU A 43 12.66 -27.71 13.26
C LEU A 43 13.18 -26.54 14.09
N PRO A 44 12.46 -26.21 15.19
CA PRO A 44 12.93 -25.12 16.04
C PRO A 44 14.18 -25.50 16.81
N ILE A 45 14.94 -24.51 17.25
CA ILE A 45 16.17 -24.71 18.02
C ILE A 45 16.10 -23.97 19.34
N ARG A 46 16.83 -24.44 20.34
CA ARG A 46 16.94 -23.70 21.60
C ARG A 46 18.17 -22.80 21.50
N VAL A 47 17.96 -21.49 21.64
CA VAL A 47 19.04 -20.51 21.44
C VAL A 47 19.10 -19.55 22.62
N LYS A 48 20.22 -19.63 23.34
CA LYS A 48 20.45 -18.85 24.55
C LYS A 48 19.26 -18.96 25.52
N GLY A 49 18.75 -20.19 25.68
CA GLY A 49 17.59 -20.47 26.51
C GLY A 49 16.21 -20.45 25.83
N HIS A 50 16.08 -19.63 24.79
CA HIS A 50 14.79 -19.45 24.10
C HIS A 50 14.55 -20.48 22.97
N LEU A 51 13.32 -20.97 22.83
CA LEU A 51 12.92 -21.73 21.62
C LEU A 51 12.85 -20.77 20.43
N SER A 52 13.50 -21.14 19.33
CA SER A 52 13.73 -20.22 18.22
C SER A 52 13.55 -20.90 16.88
N TRP A 53 13.47 -20.06 15.84
CA TRP A 53 13.31 -20.51 14.47
C TRP A 53 14.68 -20.54 13.78
N ASP A 54 14.97 -21.63 13.10
CA ASP A 54 16.22 -21.74 12.38
C ASP A 54 16.11 -20.97 11.04
N ILE A 55 16.43 -19.67 11.07
CA ILE A 55 16.16 -18.76 9.95
C ILE A 55 17.10 -18.98 8.75
N ASP A 56 18.33 -19.43 9.04
CA ASP A 56 19.33 -19.67 8.01
C ASP A 56 18.97 -20.92 7.23
N PHE A 57 18.51 -21.94 7.92
CA PHE A 57 17.95 -23.13 7.24
C PHE A 57 16.69 -22.77 6.41
N LEU A 58 15.78 -22.00 6.97
CA LEU A 58 14.54 -21.70 6.25
C LEU A 58 14.84 -20.90 4.97
N LEU A 59 15.70 -19.90 5.08
CA LEU A 59 16.03 -19.09 3.93
C LEU A 59 16.74 -19.92 2.84
N ALA A 60 17.67 -20.78 3.27
CA ALA A 60 18.30 -21.78 2.38
C ALA A 60 17.29 -22.63 1.59
N LYS A 61 16.28 -23.17 2.28
CA LYS A 61 15.21 -23.90 1.59
C LYS A 61 14.36 -23.03 0.68
N ILE A 62 14.14 -21.76 1.03
CA ILE A 62 13.45 -20.90 0.08
C ILE A 62 14.24 -20.72 -1.20
N LEU A 63 15.56 -20.57 -1.09
CA LEU A 63 16.42 -20.35 -2.28
C LEU A 63 16.53 -21.64 -3.10
N GLU A 64 16.67 -22.76 -2.41
CA GLU A 64 16.70 -24.03 -3.11
C GLU A 64 15.36 -24.27 -3.89
N SER A 65 14.23 -23.82 -3.34
CA SER A 65 12.94 -24.00 -4.05
C SER A 65 12.84 -23.13 -5.26
N ILE A 66 13.37 -21.90 -5.19
CA ILE A 66 13.35 -20.95 -6.33
C ILE A 66 14.24 -21.43 -7.49
N ARG A 67 15.42 -21.96 -7.16
CA ARG A 67 16.31 -22.53 -8.19
C ARG A 67 15.65 -23.76 -8.86
N LEU A 68 14.96 -24.60 -8.07
CA LEU A 68 14.18 -25.71 -8.60
C LEU A 68 13.01 -25.23 -9.47
N ALA A 69 12.35 -24.14 -9.06
CA ALA A 69 11.25 -23.55 -9.79
C ALA A 69 11.70 -22.99 -11.13
N ASN A 70 12.82 -22.25 -11.13
CA ASN A 70 13.41 -21.64 -12.35
C ASN A 70 13.83 -22.72 -13.36
N THR A 71 14.09 -23.91 -12.85
CA THR A 71 14.57 -25.05 -13.63
C THR A 71 13.50 -25.64 -14.54
N SER A 72 12.25 -25.60 -14.08
CA SER A 72 11.13 -26.18 -14.80
C SER A 72 10.06 -25.19 -15.25
N TYR A 73 10.03 -23.96 -14.74
CA TYR A 73 9.02 -22.96 -15.14
C TYR A 73 9.59 -21.60 -15.40
N LYS A 74 8.85 -20.77 -16.12
CA LYS A 74 9.15 -19.35 -16.14
C LYS A 74 8.45 -18.75 -14.91
N ILE A 75 9.21 -18.20 -13.96
CA ILE A 75 8.60 -17.81 -12.69
C ILE A 75 8.42 -16.31 -12.74
N LEU A 76 7.18 -15.85 -12.61
CA LEU A 76 6.92 -14.43 -12.79
C LEU A 76 6.90 -13.71 -11.45
N SER A 77 6.83 -14.46 -10.36
CA SER A 77 6.63 -13.91 -8.99
C SER A 77 6.81 -15.02 -7.97
N ILE A 78 7.04 -14.63 -6.72
CA ILE A 78 7.07 -15.57 -5.63
C ILE A 78 6.30 -14.81 -4.53
N GLY A 79 5.83 -15.55 -3.53
CA GLY A 79 4.82 -15.04 -2.61
C GLY A 79 4.84 -15.96 -1.41
N ILE A 80 5.04 -15.41 -0.23
CA ILE A 80 5.34 -16.25 0.95
C ILE A 80 4.25 -16.10 2.01
N ASP A 81 3.76 -17.21 2.53
CA ASP A 81 2.84 -17.18 3.67
C ASP A 81 3.45 -17.97 4.83
N THR A 82 3.11 -17.55 6.05
CA THR A 82 3.60 -18.18 7.25
C THR A 82 2.57 -18.15 8.36
N TRP A 83 2.91 -18.87 9.41
CA TRP A 83 2.22 -18.87 10.70
C TRP A 83 2.28 -17.45 11.29
N GLY A 84 1.38 -17.12 12.20
CA GLY A 84 1.33 -15.75 12.71
C GLY A 84 2.25 -15.49 13.92
N VAL A 85 2.12 -14.28 14.45
CA VAL A 85 2.64 -13.79 15.72
C VAL A 85 4.16 -13.59 15.83
N ASP A 86 4.95 -14.49 15.26
CA ASP A 86 6.39 -14.43 15.53
C ASP A 86 7.02 -13.34 14.65
N PHE A 87 8.19 -12.84 15.10
CA PHE A 87 8.79 -11.72 14.42
C PHE A 87 10.31 -11.79 14.56
N GLY A 88 10.99 -11.02 13.73
CA GLY A 88 12.44 -10.88 13.88
C GLY A 88 12.71 -9.42 14.11
N LEU A 89 13.81 -9.13 14.80
CA LEU A 89 14.22 -7.75 15.04
C LEU A 89 15.45 -7.42 14.17
N ILE A 90 15.41 -6.29 13.46
CA ILE A 90 16.46 -5.92 12.48
C ILE A 90 17.15 -4.70 13.08
N ASP A 91 18.49 -4.73 13.09
CA ASP A 91 19.22 -3.66 13.70
C ASP A 91 19.41 -2.54 12.71
N ASN A 92 20.13 -1.50 13.13
CA ASN A 92 20.22 -0.30 12.29
C ASN A 92 21.05 -0.45 11.01
N GLU A 93 21.84 -1.51 10.94
CA GLU A 93 22.58 -1.80 9.72
C GLU A 93 21.93 -2.92 8.89
N GLY A 94 20.67 -3.25 9.18
CA GLY A 94 19.90 -4.18 8.36
C GLY A 94 20.17 -5.64 8.59
N LYS A 95 20.77 -5.95 9.73
CA LYS A 95 21.02 -7.35 10.06
C LYS A 95 20.06 -7.84 11.13
N LEU A 96 19.73 -9.12 11.04
CA LEU A 96 18.99 -9.80 12.08
C LEU A 96 19.74 -9.65 13.42
N LEU A 97 19.05 -9.17 14.43
CA LEU A 97 19.63 -8.91 15.74
C LEU A 97 19.92 -10.23 16.43
N LEU A 98 18.94 -11.13 16.40
CA LEU A 98 19.09 -12.47 16.95
C LEU A 98 18.12 -13.34 16.18
N GLN A 99 18.08 -14.63 16.48
CA GLN A 99 17.15 -15.52 15.80
C GLN A 99 15.76 -15.29 16.36
N PRO A 100 14.74 -15.20 15.49
CA PRO A 100 13.36 -15.06 15.93
C PRO A 100 12.95 -16.13 16.95
N VAL A 101 12.18 -15.70 17.95
CA VAL A 101 11.75 -16.59 19.05
C VAL A 101 10.44 -17.28 18.62
N HIS A 102 10.33 -18.56 18.98
CA HIS A 102 9.17 -19.42 18.70
C HIS A 102 7.99 -19.03 19.61
N TYR A 103 6.78 -18.99 19.04
CA TYR A 103 5.58 -18.59 19.81
C TYR A 103 5.39 -19.42 21.09
N ARG A 104 5.97 -20.62 21.13
CA ARG A 104 5.88 -21.51 22.29
C ARG A 104 6.90 -21.20 23.38
N ASP A 105 7.81 -20.24 23.13
CA ASP A 105 8.78 -19.86 24.13
C ASP A 105 8.10 -19.47 25.45
N GLU A 106 8.69 -19.92 26.55
CA GLU A 106 8.17 -19.66 27.89
C GLU A 106 8.26 -18.19 28.33
N ARG A 107 8.85 -17.32 27.53
CA ARG A 107 9.00 -15.92 27.95
C ARG A 107 7.67 -15.23 28.22
N THR A 108 6.58 -15.69 27.62
CA THR A 108 5.31 -14.99 27.79
C THR A 108 4.39 -15.71 28.80
N LYS A 109 4.83 -16.81 29.39
CA LYS A 109 4.01 -17.46 30.38
C LYS A 109 3.86 -16.54 31.60
N GLY A 110 2.62 -16.22 31.96
CA GLY A 110 2.33 -15.30 33.08
C GLY A 110 2.20 -13.83 32.68
N VAL A 111 2.28 -13.54 31.39
CA VAL A 111 2.44 -12.15 30.94
C VAL A 111 1.13 -11.34 31.05
N LEU A 112 -0.03 -11.99 30.93
CA LEU A 112 -1.30 -11.24 31.01
C LEU A 112 -1.58 -10.57 32.36
N LYS A 113 -0.97 -11.09 33.43
CA LYS A 113 -1.06 -10.47 34.77
C LYS A 113 -0.42 -9.09 34.79
N GLU A 114 0.67 -8.92 34.06
CA GLU A 114 1.29 -7.62 33.94
C GLU A 114 0.48 -6.75 32.96
N ILE A 115 -0.07 -7.32 31.88
CA ILE A 115 -0.84 -6.48 30.97
C ILE A 115 -2.13 -5.91 31.64
N SER A 116 -2.85 -6.80 32.34
CA SER A 116 -4.03 -6.43 33.15
C SER A 116 -3.78 -5.25 34.07
N GLU A 117 -2.54 -5.09 34.51
CA GLU A 117 -2.21 -3.97 35.39
C GLU A 117 -2.17 -2.66 34.62
N MET A 118 -1.98 -2.73 33.31
CA MET A 118 -1.80 -1.47 32.59
C MET A 118 -2.99 -1.09 31.74
N THR A 119 -3.86 -2.06 31.47
CA THR A 119 -5.05 -1.82 30.68
C THR A 119 -6.07 -2.94 30.92
N GLU A 120 -7.35 -2.62 30.98
CA GLU A 120 -8.30 -3.70 31.01
C GLU A 120 -8.23 -4.46 29.68
N LEU A 121 -8.28 -5.78 29.77
CA LEU A 121 -8.14 -6.61 28.59
C LEU A 121 -9.24 -6.35 27.54
N GLU A 122 -10.49 -6.13 27.95
CA GLU A 122 -11.55 -5.83 26.97
C GLU A 122 -11.31 -4.56 26.15
N LYS A 123 -10.66 -3.57 26.74
CA LYS A 123 -10.33 -2.34 26.02
C LYS A 123 -9.32 -2.64 24.92
N LEU A 124 -8.29 -3.39 25.27
CA LEU A 124 -7.30 -3.84 24.33
C LEU A 124 -8.00 -4.62 23.22
N TYR A 125 -8.88 -5.54 23.63
CA TYR A 125 -9.74 -6.26 22.67
C TYR A 125 -10.48 -5.29 21.78
N SER A 126 -11.22 -4.35 22.34
CA SER A 126 -12.04 -3.46 21.48
C SER A 126 -11.25 -2.58 20.49
N GLU A 127 -9.95 -2.37 20.77
CA GLU A 127 -9.07 -1.63 19.85
C GLU A 127 -8.37 -2.49 18.77
N THR A 128 -8.19 -3.80 19.01
CA THR A 128 -7.45 -4.68 18.09
C THR A 128 -8.24 -5.87 17.55
N GLY A 129 -9.24 -6.34 18.30
CA GLY A 129 -10.10 -7.43 17.85
C GLY A 129 -9.61 -8.83 18.11
N ASN A 130 -8.34 -8.99 18.50
CA ASN A 130 -7.79 -10.31 18.80
C ASN A 130 -8.09 -10.88 20.18
N GLN A 131 -8.47 -12.15 20.23
N GLN A 131 -8.46 -12.14 20.22
CA GLN A 131 -8.57 -12.81 21.53
CA GLN A 131 -8.55 -12.90 21.46
C GLN A 131 -7.21 -12.76 22.18
C GLN A 131 -7.22 -12.84 22.20
N ILE A 132 -7.23 -12.27 23.41
CA ILE A 132 -6.04 -12.06 24.20
C ILE A 132 -5.36 -13.38 24.61
N MET A 133 -4.18 -13.59 24.03
CA MET A 133 -3.39 -14.80 24.17
C MET A 133 -1.97 -14.38 24.55
N GLU A 134 -1.28 -15.19 25.34
CA GLU A 134 0.13 -14.90 25.71
C GLU A 134 1.11 -14.82 24.51
N ILE A 135 0.81 -15.57 23.48
CA ILE A 135 1.69 -15.66 22.32
C ILE A 135 1.64 -14.41 21.44
N ASN A 136 0.62 -13.56 21.62
CA ASN A 136 0.41 -12.43 20.70
C ASN A 136 1.67 -11.58 20.65
N THR A 137 1.97 -11.07 19.45
CA THR A 137 3.17 -10.24 19.20
C THR A 137 3.37 -9.11 20.22
N LEU A 138 2.27 -8.42 20.56
CA LEU A 138 2.37 -7.33 21.54
C LEU A 138 3.08 -7.77 22.83
N PHE A 139 2.65 -8.89 23.40
CA PHE A 139 3.15 -9.33 24.69
C PHE A 139 4.53 -9.92 24.59
N GLN A 140 4.80 -10.49 23.41
CA GLN A 140 6.12 -10.98 23.07
C GLN A 140 7.14 -9.86 23.03
N LEU A 141 6.76 -8.74 22.42
CA LEU A 141 7.61 -7.57 22.34
C LEU A 141 7.78 -6.99 23.75
N PHE A 142 6.73 -7.17 24.57
CA PHE A 142 6.71 -6.57 25.88
C PHE A 142 7.70 -7.36 26.74
N LYS A 143 7.61 -8.69 26.68
CA LYS A 143 8.58 -9.51 27.37
C LYS A 143 9.98 -9.31 26.83
N ALA A 144 10.15 -9.42 25.51
CA ALA A 144 11.49 -9.32 24.92
C ALA A 144 12.16 -8.02 25.35
N ARG A 145 11.42 -6.90 25.34
CA ARG A 145 11.98 -5.62 25.76
C ARG A 145 12.28 -5.64 27.25
N GLN A 146 11.37 -6.23 28.04
CA GLN A 146 11.52 -6.24 29.48
C GLN A 146 12.71 -7.09 29.89
N GLU A 147 12.93 -8.20 29.21
CA GLU A 147 13.98 -9.14 29.57
C GLU A 147 15.38 -8.58 29.30
N SER A 148 15.46 -7.65 28.34
CA SER A 148 16.74 -7.07 27.96
C SER A 148 16.55 -5.68 27.34
N PRO A 149 16.29 -4.68 28.18
CA PRO A 149 15.93 -3.41 27.53
C PRO A 149 17.07 -2.87 26.68
N ASP A 150 18.29 -3.04 27.20
CA ASP A 150 19.49 -2.51 26.55
C ASP A 150 19.66 -3.16 25.20
N SER A 151 19.40 -4.47 25.12
CA SER A 151 19.35 -5.21 23.85
C SER A 151 18.35 -4.62 22.89
N PHE A 152 17.16 -4.35 23.43
CA PHE A 152 16.02 -4.01 22.59
C PHE A 152 16.19 -2.68 21.88
N TYR A 153 17.06 -1.79 22.39
CA TYR A 153 17.30 -0.42 21.84
C TYR A 153 17.93 -0.45 20.49
N LYS A 154 18.55 -1.58 20.21
CA LYS A 154 19.19 -1.83 18.94
C LYS A 154 18.20 -2.15 17.80
N THR A 155 16.96 -2.55 18.14
CA THR A 155 15.95 -2.82 17.08
C THR A 155 15.71 -1.56 16.26
N ASN A 156 15.88 -1.63 14.93
CA ASN A 156 15.38 -0.61 14.01
C ASN A 156 14.00 -0.98 13.38
N LYS A 157 13.78 -2.28 13.14
CA LYS A 157 12.54 -2.77 12.57
C LYS A 157 12.15 -4.11 13.17
N ILE A 158 10.85 -4.27 13.38
CA ILE A 158 10.21 -5.52 13.78
C ILE A 158 9.48 -6.14 12.56
N LEU A 159 9.87 -7.33 12.14
CA LEU A 159 9.30 -7.92 10.94
C LEU A 159 8.59 -9.19 11.37
N LEU A 160 7.30 -9.29 11.02
CA LEU A 160 6.57 -10.53 11.17
C LEU A 160 7.28 -11.51 10.24
N MET A 161 7.06 -12.81 10.43
CA MET A 161 7.75 -13.80 9.64
C MET A 161 7.75 -13.61 8.09
N PRO A 162 6.57 -13.35 7.49
CA PRO A 162 6.61 -13.18 6.03
C PRO A 162 7.43 -11.98 5.66
N ASP A 163 7.27 -10.88 6.39
CA ASP A 163 8.01 -9.64 6.10
C ASP A 163 9.54 -9.90 6.27
N LEU A 164 9.92 -10.75 7.22
CA LEU A 164 11.35 -11.09 7.45
C LEU A 164 11.99 -11.76 6.23
N PHE A 165 11.35 -12.83 5.75
CA PHE A 165 11.78 -13.52 4.53
C PHE A 165 11.65 -12.61 3.31
N ASN A 166 10.56 -11.84 3.22
CA ASN A 166 10.52 -10.81 2.16
C ASN A 166 11.69 -9.80 2.24
N TYR A 167 12.03 -9.37 3.45
CA TYR A 167 13.15 -8.45 3.61
C TYR A 167 14.47 -9.08 3.20
N LEU A 168 14.72 -10.30 3.68
CA LEU A 168 15.93 -11.05 3.34
C LEU A 168 16.09 -11.20 1.85
N LEU A 169 14.99 -11.46 1.13
CA LEU A 169 15.09 -11.59 -0.33
C LEU A 169 15.32 -10.29 -1.13
N THR A 170 14.70 -9.21 -0.67
CA THR A 170 14.53 -8.01 -1.47
C THR A 170 15.23 -6.79 -0.92
N GLY A 171 15.56 -6.81 0.37
CA GLY A 171 15.98 -5.59 1.06
C GLY A 171 14.90 -4.61 1.53
N LYS A 172 13.62 -4.91 1.33
CA LYS A 172 12.58 -3.90 1.55
C LYS A 172 11.61 -4.33 2.71
N PHE A 173 10.95 -3.35 3.35
CA PHE A 173 10.09 -3.58 4.51
C PHE A 173 8.61 -3.40 4.16
N ALA A 174 7.81 -4.43 4.40
CA ALA A 174 6.35 -4.18 4.37
C ALA A 174 5.69 -5.24 5.18
N THR A 175 4.62 -4.85 5.85
CA THR A 175 3.81 -5.84 6.49
C THR A 175 2.43 -5.86 5.84
N GLU A 176 2.00 -7.05 5.43
CA GLU A 176 0.70 -7.15 4.77
C GLU A 176 -0.43 -7.28 5.85
N LYS A 177 -1.64 -6.78 5.60
CA LYS A 177 -2.68 -6.73 6.63
C LYS A 177 -2.97 -8.06 7.32
N SER A 178 -2.94 -9.18 6.59
CA SER A 178 -3.40 -10.43 7.19
C SER A 178 -2.49 -10.88 8.31
N ILE A 179 -1.19 -10.64 8.14
CA ILE A 179 -0.29 -10.99 9.22
C ILE A 179 -0.33 -9.92 10.30
N ALA A 180 -0.61 -8.67 9.93
CA ALA A 180 -0.60 -7.61 10.91
C ALA A 180 -1.74 -7.82 11.94
N SER A 181 -2.82 -8.48 11.52
CA SER A 181 -3.99 -8.69 12.38
C SER A 181 -3.91 -9.88 13.34
N THR A 182 -2.72 -10.49 13.46
CA THR A 182 -2.47 -11.52 14.47
C THR A 182 -1.62 -10.96 15.66
N THR A 183 -1.28 -9.67 15.59
CA THR A 183 -0.29 -9.08 16.46
C THR A 183 -0.79 -8.48 17.78
N GLN A 184 -2.07 -8.09 17.81
CA GLN A 184 -2.65 -7.27 18.86
C GLN A 184 -2.07 -5.84 18.84
N LEU A 185 -1.62 -5.41 17.65
CA LEU A 185 -1.05 -4.07 17.39
C LEU A 185 -1.84 -3.35 16.28
N PHE A 186 -2.82 -4.04 15.73
CA PHE A 186 -3.46 -3.63 14.49
C PHE A 186 -4.97 -3.48 14.71
N ASP A 187 -5.55 -2.44 14.12
CA ASP A 187 -6.98 -2.15 14.26
C ASP A 187 -7.73 -2.71 13.06
N PRO A 188 -8.64 -3.69 13.26
CA PRO A 188 -9.34 -4.28 12.12
C PRO A 188 -10.34 -3.36 11.47
N ARG A 189 -10.64 -2.21 12.08
CA ARG A 189 -11.62 -1.31 11.48
C ARG A 189 -10.92 -0.39 10.47
N SER A 190 -9.86 0.31 10.91
CA SER A 190 -9.11 1.20 10.06
C SER A 190 -8.16 0.40 9.20
N GLN A 191 -7.91 -0.85 9.64
CA GLN A 191 -7.01 -1.80 9.02
C GLN A 191 -5.56 -1.30 8.87
N ASN A 192 -5.09 -0.73 9.95
CA ASN A 192 -3.75 -0.19 10.04
C ASN A 192 -3.33 -0.30 11.51
N TRP A 193 -2.06 0.01 11.80
CA TRP A 193 -1.53 -0.09 13.16
C TRP A 193 -2.34 0.82 14.04
N ASN A 194 -2.44 0.45 15.31
CA ASN A 194 -3.27 1.17 16.22
C ASN A 194 -2.32 2.08 17.01
N GLN A 195 -2.38 3.39 16.80
CA GLN A 195 -1.42 4.26 17.51
C GLN A 195 -1.70 4.36 19.04
N ASN A 196 -2.97 4.23 19.42
CA ASN A 196 -3.33 4.29 20.83
C ASN A 196 -2.61 3.17 21.62
N ILE A 197 -2.54 1.98 21.01
CA ILE A 197 -1.92 0.81 21.65
C ILE A 197 -0.41 0.97 21.64
N LEU A 198 0.10 1.52 20.55
CA LEU A 198 1.52 1.83 20.44
C LEU A 198 1.91 2.86 21.50
N LYS A 199 1.12 3.92 21.62
CA LYS A 199 1.34 4.91 22.69
C LYS A 199 1.40 4.25 24.07
N LEU A 200 0.33 3.55 24.45
CA LEU A 200 0.26 2.76 25.70
C LEU A 200 1.50 1.92 25.97
N PHE A 201 1.94 1.13 24.99
CA PHE A 201 3.05 0.21 25.27
C PHE A 201 4.44 0.77 24.97
N GLU A 202 4.47 2.08 24.67
CA GLU A 202 5.66 2.87 24.47
C GLU A 202 6.56 2.19 23.44
N LEU A 203 5.97 1.86 22.29
CA LEU A 203 6.73 1.32 21.14
C LEU A 203 6.63 2.35 20.04
N ASP A 204 7.77 2.79 19.49
CA ASP A 204 7.74 3.86 18.49
C ASP A 204 7.21 3.29 17.20
N SER A 205 6.36 4.04 16.55
CA SER A 205 5.67 3.50 15.39
C SER A 205 6.69 3.14 14.32
N SER A 206 7.89 3.76 14.40
CA SER A 206 8.88 3.68 13.33
C SER A 206 9.44 2.28 13.29
N LEU A 207 9.36 1.61 14.43
CA LEU A 207 9.74 0.21 14.54
C LEU A 207 9.00 -0.71 13.59
N LEU A 208 7.77 -0.35 13.20
CA LEU A 208 6.91 -1.20 12.37
C LEU A 208 7.00 -0.77 10.91
N PRO A 209 6.94 -1.73 9.97
CA PRO A 209 6.93 -1.43 8.54
C PRO A 209 5.58 -0.90 8.07
N GLU A 210 5.55 -0.29 6.90
CA GLU A 210 4.29 0.26 6.38
C GLU A 210 3.30 -0.91 6.11
N ILE A 211 2.03 -0.73 6.47
CA ILE A 211 0.95 -1.67 6.07
C ILE A 211 0.74 -1.72 4.55
N VAL A 212 0.72 -2.91 3.97
CA VAL A 212 0.30 -3.02 2.58
C VAL A 212 -0.86 -3.99 2.46
N SER A 213 -1.60 -3.97 1.36
CA SER A 213 -2.64 -4.98 1.09
C SER A 213 -2.09 -6.14 0.29
N GLU A 214 -2.85 -7.24 0.21
CA GLU A 214 -2.42 -8.40 -0.59
C GLU A 214 -2.37 -8.01 -2.08
N GLY A 215 -1.41 -8.57 -2.83
CA GLY A 215 -1.22 -8.24 -4.24
C GLY A 215 -0.17 -7.14 -4.47
N ASN A 216 0.16 -6.38 -3.43
CA ASN A 216 1.26 -5.39 -3.48
C ASN A 216 2.53 -6.03 -4.05
N VAL A 217 3.17 -5.37 -5.01
CA VAL A 217 4.41 -5.88 -5.55
C VAL A 217 5.53 -5.23 -4.74
N LEU A 218 6.14 -5.99 -3.83
CA LEU A 218 7.12 -5.39 -2.91
C LEU A 218 8.41 -4.90 -3.63
N GLY A 219 9.08 -5.82 -4.33
CA GLY A 219 10.35 -5.50 -5.02
C GLY A 219 10.80 -6.77 -5.70
N ARG A 220 12.00 -6.77 -6.26
CA ARG A 220 12.50 -7.99 -6.87
C ARG A 220 13.54 -8.64 -5.97
N ILE A 221 13.70 -9.96 -6.09
CA ILE A 221 14.78 -10.68 -5.39
C ILE A 221 16.16 -10.07 -5.69
N LYS A 222 16.99 -9.89 -4.66
CA LYS A 222 18.25 -9.18 -4.78
C LYS A 222 19.12 -9.86 -5.83
N GLU A 223 19.92 -9.05 -6.52
CA GLU A 223 20.69 -9.47 -7.68
C GLU A 223 21.74 -10.52 -7.30
N GLU A 224 22.34 -10.37 -6.12
CA GLU A 224 23.37 -11.30 -5.60
C GLU A 224 22.90 -12.71 -5.30
N TYR A 225 21.59 -12.93 -5.21
CA TYR A 225 21.11 -14.31 -5.01
C TYR A 225 21.32 -15.20 -6.23
N GLY A 226 21.41 -14.58 -7.41
CA GLY A 226 21.71 -15.34 -8.62
C GLY A 226 20.47 -15.97 -9.24
N LEU A 227 19.30 -15.53 -8.79
CA LEU A 227 18.04 -16.14 -9.20
C LEU A 227 17.33 -15.35 -10.27
N GLY A 228 17.85 -14.19 -10.63
CA GLY A 228 17.12 -13.33 -11.55
C GLY A 228 16.31 -12.33 -10.76
N ASP A 229 15.68 -11.42 -11.45
CA ASP A 229 15.00 -10.35 -10.76
C ASP A 229 13.53 -10.70 -10.62
N ILE A 230 13.26 -11.74 -9.83
CA ILE A 230 11.88 -12.20 -9.74
C ILE A 230 11.17 -11.26 -8.79
N PRO A 231 10.01 -10.69 -9.19
CA PRO A 231 9.19 -9.91 -8.29
C PRO A 231 8.79 -10.76 -7.08
N VAL A 232 8.82 -10.15 -5.89
CA VAL A 232 8.23 -10.76 -4.68
C VAL A 232 6.92 -10.03 -4.41
N VAL A 233 5.84 -10.78 -4.22
CA VAL A 233 4.53 -10.19 -4.03
C VAL A 233 4.10 -10.40 -2.58
N ASN A 234 3.52 -9.37 -1.97
CA ASN A 234 2.87 -9.53 -0.68
C ASN A 234 1.54 -10.27 -0.94
N VAL A 235 1.44 -11.51 -0.49
CA VAL A 235 0.17 -12.27 -0.65
C VAL A 235 -0.66 -12.20 0.65
N CYS A 236 -1.66 -13.08 0.87
CA CYS A 236 -2.33 -13.15 2.18
C CYS A 236 -1.35 -13.86 3.03
N SER A 237 -0.54 -13.09 3.74
CA SER A 237 0.72 -13.62 4.19
C SER A 237 0.62 -14.51 5.41
N HIS A 238 -0.49 -14.40 6.16
CA HIS A 238 -0.86 -15.33 7.21
C HIS A 238 -1.51 -16.58 6.61
N ASP A 239 -0.94 -17.76 6.89
CA ASP A 239 -1.37 -19.00 6.20
C ASP A 239 -2.90 -19.22 6.27
N THR A 240 -3.50 -19.04 7.46
CA THR A 240 -4.97 -19.08 7.66
C THR A 240 -5.71 -18.23 6.64
N ALA A 241 -5.31 -16.96 6.50
CA ALA A 241 -5.94 -16.09 5.51
C ALA A 241 -5.82 -16.52 4.06
N SER A 242 -4.68 -17.12 3.67
CA SER A 242 -4.51 -17.68 2.31
C SER A 242 -5.48 -18.86 2.10
N ALA A 243 -5.60 -19.72 3.09
CA ALA A 243 -6.54 -20.85 3.05
C ALA A 243 -7.97 -20.36 2.88
N ILE A 244 -8.35 -19.31 3.59
CA ILE A 244 -9.73 -18.76 3.46
C ILE A 244 -10.05 -18.16 2.07
N VAL A 245 -9.00 -17.72 1.36
CA VAL A 245 -9.19 -17.28 -0.03
C VAL A 245 -9.95 -18.36 -0.85
N SER A 246 -9.67 -19.62 -0.60
CA SER A 246 -10.18 -20.62 -1.53
C SER A 246 -11.58 -21.16 -1.14
N VAL A 247 -12.08 -20.75 0.03
CA VAL A 247 -13.46 -21.02 0.45
C VAL A 247 -14.49 -20.25 -0.41
N PRO A 248 -15.47 -20.98 -0.99
CA PRO A 248 -16.57 -20.32 -1.69
C PRO A 248 -17.17 -19.15 -0.88
N LYS A 249 -17.57 -18.10 -1.60
CA LYS A 249 -18.09 -16.86 -1.05
C LYS A 249 -19.62 -16.85 -1.06
N THR A 250 -20.22 -17.95 -0.60
CA THR A 250 -21.67 -18.10 -0.50
C THR A 250 -22.15 -17.84 0.93
N GLU A 251 -23.38 -17.30 1.07
CA GLU A 251 -23.94 -16.83 2.35
C GLU A 251 -23.77 -17.70 3.58
N GLY A 252 -24.24 -18.95 3.50
CA GLY A 252 -24.28 -19.89 4.64
C GLY A 252 -23.07 -20.79 4.88
N SER A 253 -21.89 -20.35 4.45
CA SER A 253 -20.72 -21.17 4.57
C SER A 253 -19.81 -20.74 5.71
N LEU A 254 -19.38 -21.72 6.47
CA LEU A 254 -18.42 -21.59 7.51
C LEU A 254 -17.12 -22.30 7.07
N PHE A 255 -16.04 -22.10 7.79
CA PHE A 255 -14.85 -22.95 7.61
C PHE A 255 -14.35 -23.46 8.93
N ILE A 256 -13.57 -24.52 8.85
CA ILE A 256 -13.09 -25.23 10.01
C ILE A 256 -11.70 -25.77 9.74
N SER A 257 -10.82 -25.63 10.73
CA SER A 257 -9.61 -26.42 10.82
C SER A 257 -9.49 -27.20 12.15
N SER A 258 -8.90 -28.39 12.07
CA SER A 258 -8.58 -29.16 13.28
C SER A 258 -7.07 -29.48 13.48
N GLY A 259 -6.20 -28.85 12.71
CA GLY A 259 -4.76 -29.12 12.88
C GLY A 259 -4.04 -28.06 13.68
N THR A 260 -2.76 -27.95 13.40
CA THR A 260 -2.06 -26.70 13.35
C THR A 260 -2.79 -25.53 14.05
N TRP A 261 -3.63 -24.88 13.25
CA TRP A 261 -4.34 -23.66 13.58
C TRP A 261 -5.84 -24.05 13.64
N SER A 262 -6.26 -24.80 14.66
CA SER A 262 -7.67 -25.21 14.76
C SER A 262 -8.61 -24.11 15.21
N LEU A 263 -9.72 -23.98 14.47
CA LEU A 263 -10.64 -22.88 14.61
C LEU A 263 -11.94 -23.15 13.82
N VAL A 264 -12.92 -22.31 14.04
CA VAL A 264 -14.10 -22.35 13.23
C VAL A 264 -14.43 -20.89 13.02
N GLY A 265 -14.94 -20.52 11.84
CA GLY A 265 -15.27 -19.11 11.64
C GLY A 265 -15.95 -18.83 10.32
N VAL A 266 -16.15 -17.55 10.05
CA VAL A 266 -16.95 -17.16 8.93
C VAL A 266 -16.34 -15.84 8.47
N GLU A 267 -16.47 -15.53 7.18
CA GLU A 267 -16.04 -14.22 6.70
C GLU A 267 -17.17 -13.23 6.92
N LEU A 268 -16.82 -12.06 7.46
CA LEU A 268 -17.77 -10.99 7.72
C LEU A 268 -17.32 -9.74 6.97
N THR A 269 -18.25 -8.83 6.72
CA THR A 269 -17.98 -7.55 6.08
C THR A 269 -17.34 -6.55 7.07
N SER A 270 -17.71 -6.64 8.35
CA SER A 270 -17.14 -5.75 9.37
C SER A 270 -17.01 -6.44 10.74
N PRO A 271 -16.06 -5.95 11.58
CA PRO A 271 -15.70 -6.66 12.80
C PRO A 271 -16.82 -6.74 13.86
N ILE A 272 -16.66 -7.64 14.82
CA ILE A 272 -17.54 -7.69 16.00
C ILE A 272 -16.63 -7.47 17.19
N LEU A 273 -16.80 -6.31 17.81
CA LEU A 273 -15.92 -5.89 18.90
C LEU A 273 -16.72 -5.58 20.16
N THR A 274 -17.71 -6.43 20.45
CA THR A 274 -18.59 -6.33 21.62
C THR A 274 -18.07 -7.13 22.80
N THR A 275 -18.62 -6.85 23.97
CA THR A 275 -18.31 -7.62 25.17
C THR A 275 -18.67 -9.07 24.96
N GLU A 276 -19.80 -9.32 24.29
CA GLU A 276 -20.18 -10.67 23.90
C GLU A 276 -19.02 -11.35 23.16
N SER A 277 -18.58 -10.75 22.05
CA SER A 277 -17.58 -11.40 21.22
C SER A 277 -16.31 -11.60 22.02
N PHE A 278 -15.96 -10.58 22.80
CA PHE A 278 -14.82 -10.68 23.72
C PHE A 278 -15.01 -11.85 24.69
N SER A 279 -16.14 -11.86 25.40
CA SER A 279 -16.33 -12.85 26.47
C SER A 279 -16.49 -14.26 25.97
N TYR A 280 -16.90 -14.35 24.70
CA TYR A 280 -17.06 -15.59 24.00
C TYR A 280 -15.81 -16.16 23.32
N GLY A 281 -14.70 -15.45 23.39
CA GLY A 281 -13.44 -16.08 22.92
C GLY A 281 -13.18 -15.93 21.43
N PHE A 282 -13.82 -14.94 20.78
CA PHE A 282 -13.67 -14.78 19.32
C PHE A 282 -12.67 -13.69 18.93
N THR A 283 -12.11 -13.87 17.76
CA THR A 283 -11.07 -13.05 17.24
C THR A 283 -11.57 -12.46 15.92
N ASN A 284 -11.24 -11.19 15.68
CA ASN A 284 -11.41 -10.58 14.36
C ASN A 284 -10.02 -10.45 13.68
N GLU A 285 -9.65 -11.38 12.81
CA GLU A 285 -8.48 -11.23 11.92
C GLU A 285 -8.92 -10.69 10.54
N VAL A 286 -7.96 -10.27 9.71
CA VAL A 286 -8.32 -9.68 8.40
C VAL A 286 -7.84 -10.62 7.29
N GLY A 287 -8.56 -10.62 6.18
CA GLY A 287 -8.16 -11.49 5.06
C GLY A 287 -8.25 -10.76 3.74
N LYS A 288 -8.33 -11.54 2.66
CA LYS A 288 -8.37 -11.02 1.28
C LYS A 288 -9.39 -9.91 1.11
N ASP A 289 -9.03 -8.86 0.36
CA ASP A 289 -9.96 -7.78 0.05
C ASP A 289 -10.53 -7.15 1.35
N GLY A 290 -9.76 -7.19 2.44
CA GLY A 290 -10.15 -6.52 3.72
C GLY A 290 -11.32 -7.15 4.50
N VAL A 291 -11.73 -8.35 4.11
CA VAL A 291 -12.82 -9.02 4.83
C VAL A 291 -12.39 -9.39 6.26
N ILE A 292 -13.34 -9.60 7.14
CA ILE A 292 -13.00 -10.06 8.49
C ILE A 292 -13.14 -11.56 8.54
N THR A 293 -12.07 -12.25 8.91
CA THR A 293 -12.16 -13.66 9.21
C THR A 293 -12.48 -13.71 10.73
N PHE A 294 -13.75 -13.91 11.03
CA PHE A 294 -14.29 -13.87 12.38
C PHE A 294 -14.29 -15.31 12.86
N LEU A 295 -13.60 -15.59 13.95
CA LEU A 295 -13.27 -16.98 14.22
C LEU A 295 -13.04 -17.22 15.72
N LYS A 296 -13.28 -18.44 16.15
CA LYS A 296 -12.96 -18.83 17.49
C LYS A 296 -11.95 -19.96 17.46
N ASN A 297 -10.79 -19.74 18.06
CA ASN A 297 -9.93 -20.87 18.33
C ASN A 297 -10.55 -21.94 19.23
N CYS A 298 -10.20 -23.17 18.89
CA CYS A 298 -10.62 -24.36 19.55
C CYS A 298 -9.29 -25.06 19.83
N THR A 299 -9.30 -26.13 20.64
CA THR A 299 -8.15 -27.05 20.68
C THR A 299 -8.38 -28.24 19.74
N GLY A 300 -7.37 -28.54 18.93
CA GLY A 300 -7.55 -29.41 17.80
C GLY A 300 -7.23 -30.86 18.04
N LEU A 301 -7.15 -31.55 16.90
CA LEU A 301 -6.93 -32.98 16.84
C LEU A 301 -5.66 -33.48 17.59
N TRP A 302 -4.93 -32.58 18.29
CA TRP A 302 -3.64 -32.90 18.93
CA TRP A 302 -3.65 -32.97 18.88
C TRP A 302 -3.72 -33.76 20.19
N ILE A 303 -4.79 -33.61 20.97
CA ILE A 303 -4.94 -34.46 22.19
C ILE A 303 -5.14 -35.94 21.79
N ILE A 304 -5.75 -36.16 20.62
CA ILE A 304 -5.81 -37.51 20.04
C ILE A 304 -4.36 -38.01 19.85
N GLU A 305 -3.58 -37.31 19.02
CA GLU A 305 -2.17 -37.66 18.81
C GLU A 305 -1.43 -37.95 20.13
N GLU A 306 -1.50 -37.01 21.08
CA GLU A 306 -0.80 -37.20 22.35
C GLU A 306 -1.23 -38.44 23.15
N LEU A 307 -2.52 -38.76 23.10
CA LEU A 307 -3.06 -39.99 23.70
C LEU A 307 -2.63 -41.25 22.94
N ARG A 308 -2.22 -41.06 21.68
CA ARG A 308 -1.67 -42.12 20.83
C ARG A 308 -0.22 -42.38 21.18
N ARG A 309 0.55 -41.31 21.36
CA ARG A 309 1.96 -41.42 21.70
C ARG A 309 2.15 -41.89 23.13
N SER A 310 1.13 -41.61 23.95
CA SER A 310 1.01 -42.12 25.28
C SER A 310 0.57 -43.60 25.29
N PHE A 311 -0.08 -44.09 24.24
CA PHE A 311 -0.42 -45.53 24.15
C PHE A 311 0.71 -46.34 23.51
N GLU A 312 1.58 -45.67 22.76
CA GLU A 312 2.82 -46.28 22.30
C GLU A 312 3.76 -46.63 23.46
N ARG A 313 3.90 -45.71 24.40
CA ARG A 313 4.77 -45.91 25.57
C ARG A 313 4.28 -47.03 26.51
N ARG A 314 3.05 -47.49 26.29
CA ARG A 314 2.49 -48.66 26.96
C ARG A 314 2.46 -49.88 26.04
N GLY A 315 3.19 -49.80 24.93
CA GLY A 315 3.28 -50.90 23.97
C GLY A 315 1.95 -51.33 23.37
N LYS A 316 1.08 -50.35 23.08
CA LYS A 316 -0.17 -50.57 22.33
C LYS A 316 -0.34 -49.44 21.31
N ALA A 317 0.35 -49.53 20.19
CA ALA A 317 0.32 -48.46 19.19
C ALA A 317 -0.86 -48.62 18.23
N TYR A 318 -1.72 -47.61 18.17
CA TYR A 318 -2.88 -47.66 17.30
C TYR A 318 -2.74 -46.78 16.08
N SER A 319 -3.29 -47.27 14.98
CA SER A 319 -3.47 -46.47 13.78
C SER A 319 -4.84 -45.80 13.85
N PHE A 320 -5.04 -44.76 13.03
CA PHE A 320 -6.32 -44.06 13.01
C PHE A 320 -7.48 -44.97 12.63
N ASP A 321 -7.18 -46.01 11.85
CA ASP A 321 -8.15 -47.05 11.49
C ASP A 321 -8.51 -47.85 12.73
N ASP A 322 -7.50 -48.17 13.53
CA ASP A 322 -7.70 -48.80 14.84
C ASP A 322 -8.56 -47.92 15.73
N ILE A 323 -8.21 -46.63 15.77
CA ILE A 323 -8.93 -45.62 16.57
C ILE A 323 -10.37 -45.44 16.10
N ARG A 324 -10.58 -45.39 14.78
CA ARG A 324 -11.93 -45.28 14.22
C ARG A 324 -12.77 -46.49 14.62
N THR A 325 -12.21 -47.68 14.40
CA THR A 325 -12.91 -48.90 14.77
C THR A 325 -13.23 -48.88 16.27
N MET A 326 -12.20 -48.59 17.08
CA MET A 326 -12.33 -48.57 18.54
C MET A 326 -13.42 -47.63 19.02
N VAL A 327 -13.49 -46.45 18.42
CA VAL A 327 -14.45 -45.43 18.83
C VAL A 327 -15.80 -45.73 18.24
N GLU A 328 -15.83 -46.00 16.93
CA GLU A 328 -17.10 -46.35 16.26
C GLU A 328 -17.83 -47.48 17.01
N LYS A 329 -17.07 -48.47 17.48
CA LYS A 329 -17.62 -49.59 18.27
C LYS A 329 -18.19 -49.19 19.64
N GLU A 330 -17.42 -48.46 20.46
CA GLU A 330 -17.90 -48.03 21.78
C GLU A 330 -19.10 -47.12 21.62
N LYS A 331 -20.30 -47.68 21.84
CA LYS A 331 -21.57 -47.01 21.52
C LYS A 331 -22.30 -46.41 22.73
N GLU A 332 -21.72 -46.55 23.92
CA GLU A 332 -22.21 -45.85 25.09
C GLU A 332 -22.12 -44.32 24.92
N ASN A 333 -22.75 -43.55 25.83
CA ASN A 333 -22.60 -42.11 25.91
C ASN A 333 -21.73 -41.73 27.11
N LEU A 334 -20.48 -41.37 26.84
CA LEU A 334 -19.46 -41.23 27.87
C LEU A 334 -19.39 -39.77 28.36
N PRO A 335 -18.68 -39.50 29.47
CA PRO A 335 -18.67 -38.09 29.84
C PRO A 335 -18.08 -37.18 28.75
N LEU A 336 -18.45 -35.92 28.81
CA LEU A 336 -18.02 -34.92 27.82
C LEU A 336 -17.12 -33.96 28.56
N ILE A 337 -15.86 -33.85 28.17
CA ILE A 337 -15.00 -32.95 28.92
C ILE A 337 -14.88 -31.61 28.21
N ASP A 338 -14.78 -30.55 29.00
CA ASP A 338 -14.76 -29.21 28.48
C ASP A 338 -13.30 -28.96 28.08
N THR A 339 -12.98 -29.33 26.84
CA THR A 339 -11.58 -29.42 26.41
C THR A 339 -10.93 -28.07 26.53
N GLU A 340 -11.71 -27.04 26.28
CA GLU A 340 -11.17 -25.68 26.35
C GLU A 340 -10.56 -25.40 27.74
N SER A 341 -11.17 -25.95 28.82
CA SER A 341 -10.78 -25.60 30.20
C SER A 341 -9.70 -26.51 30.78
N THR A 342 -9.32 -27.55 30.04
CA THR A 342 -8.28 -28.47 30.46
C THR A 342 -6.92 -27.77 30.52
N GLU A 343 -6.11 -28.17 31.48
CA GLU A 343 -4.75 -27.70 31.64
C GLU A 343 -3.85 -28.93 31.73
N PHE A 344 -3.52 -29.47 30.58
CA PHE A 344 -2.65 -30.63 30.50
C PHE A 344 -1.27 -30.13 30.12
N ALA A 345 -0.34 -30.26 31.05
CA ALA A 345 0.98 -29.66 30.96
C ALA A 345 1.93 -30.32 29.96
N THR A 346 3.07 -29.69 29.76
CA THR A 346 3.93 -29.92 28.61
C THR A 346 4.49 -31.33 28.42
N GLU A 347 5.03 -31.92 29.46
CA GLU A 347 5.70 -33.20 29.27
C GLU A 347 5.12 -34.25 30.20
N SER A 348 3.83 -34.13 30.43
CA SER A 348 3.09 -35.12 31.17
C SER A 348 2.67 -36.30 30.29
N ASP A 349 2.17 -37.33 30.94
CA ASP A 349 1.66 -38.48 30.23
C ASP A 349 0.17 -38.31 30.10
N MET A 350 -0.31 -38.29 28.86
CA MET A 350 -1.70 -37.96 28.53
C MET A 350 -2.72 -38.97 29.04
N HIS A 351 -2.36 -40.25 29.03
CA HIS A 351 -3.23 -41.26 29.60
C HIS A 351 -3.54 -40.92 31.07
N LYS A 352 -2.49 -40.72 31.86
CA LYS A 352 -2.64 -40.45 33.27
C LYS A 352 -3.33 -39.08 33.48
N THR A 353 -2.89 -38.05 32.78
CA THR A 353 -3.54 -36.74 32.94
C THR A 353 -5.05 -36.83 32.69
N LEU A 354 -5.45 -37.54 31.63
CA LEU A 354 -6.88 -37.65 31.29
C LEU A 354 -7.70 -38.51 32.26
N THR A 355 -7.13 -39.65 32.65
CA THR A 355 -7.67 -40.52 33.70
C THR A 355 -7.96 -39.65 34.93
N GLU A 356 -6.92 -38.94 35.37
CA GLU A 356 -6.99 -38.03 36.49
C GLU A 356 -8.08 -36.99 36.33
N TYR A 357 -8.09 -36.26 35.21
CA TYR A 357 -9.10 -35.20 35.01
C TYR A 357 -10.49 -35.76 35.14
N LEU A 358 -10.72 -36.90 34.48
CA LEU A 358 -12.03 -37.58 34.52
C LEU A 358 -12.42 -37.95 35.95
N ALA A 359 -11.48 -38.47 36.71
CA ALA A 359 -11.73 -38.92 38.08
C ALA A 359 -12.13 -37.73 38.96
N TYR A 360 -11.50 -36.59 38.73
CA TYR A 360 -11.74 -35.37 39.50
C TYR A 360 -13.02 -34.69 39.16
N HIS A 361 -13.41 -34.80 37.89
CA HIS A 361 -14.46 -33.91 37.40
C HIS A 361 -15.69 -34.61 36.90
N HIS A 362 -15.63 -35.92 36.72
CA HIS A 362 -16.83 -36.62 36.22
C HIS A 362 -17.21 -37.84 37.04
N GLU A 363 -16.37 -38.87 37.00
CA GLU A 363 -16.59 -40.17 37.63
C GLU A 363 -15.33 -41.04 37.49
N THR A 364 -15.36 -42.25 38.03
CA THR A 364 -14.25 -43.20 37.90
C THR A 364 -14.67 -44.54 37.28
N ARG A 365 -13.80 -45.03 36.39
CA ARG A 365 -13.76 -46.43 35.99
C ARG A 365 -12.42 -46.71 35.32
N GLU A 366 -12.04 -47.99 35.27
CA GLU A 366 -10.91 -48.42 34.46
C GLU A 366 -11.33 -48.19 33.01
N TRP A 367 -11.11 -46.96 32.56
CA TRP A 367 -11.51 -46.53 31.24
C TRP A 367 -10.73 -47.33 30.24
N THR A 368 -11.44 -48.11 29.42
CA THR A 368 -10.75 -48.85 28.34
C THR A 368 -10.29 -47.86 27.30
N ASP A 369 -9.37 -48.30 26.47
CA ASP A 369 -8.66 -47.44 25.55
C ASP A 369 -9.54 -46.80 24.49
N GLY A 370 -10.49 -47.56 23.96
CA GLY A 370 -11.45 -47.03 23.00
C GLY A 370 -12.30 -45.93 23.63
N GLN A 371 -12.59 -46.11 24.91
CA GLN A 371 -13.40 -45.15 25.63
C GLN A 371 -12.71 -43.80 25.89
N LEU A 372 -11.41 -43.79 26.21
CA LEU A 372 -10.68 -42.53 26.33
C LEU A 372 -10.63 -41.86 24.94
N PHE A 373 -10.36 -42.64 23.89
CA PHE A 373 -10.44 -42.14 22.50
C PHE A 373 -11.81 -41.57 22.11
N LYS A 374 -12.89 -42.28 22.41
CA LYS A 374 -14.27 -41.78 22.23
C LYS A 374 -14.56 -40.45 22.96
N ILE A 375 -14.26 -40.44 24.26
CA ILE A 375 -14.43 -39.25 25.08
C ILE A 375 -13.65 -38.09 24.46
N VAL A 376 -12.40 -38.34 24.06
CA VAL A 376 -11.57 -37.25 23.53
C VAL A 376 -12.15 -36.70 22.23
N TYR A 377 -12.48 -37.61 21.30
CA TYR A 377 -13.15 -37.29 20.04
C TYR A 377 -14.49 -36.58 20.18
N GLU A 378 -15.39 -37.15 20.99
CA GLU A 378 -16.66 -36.48 21.29
C GLU A 378 -16.45 -35.13 21.97
N SER A 379 -15.43 -34.98 22.80
CA SER A 379 -15.28 -33.70 23.48
C SER A 379 -14.80 -32.60 22.53
N LEU A 380 -13.82 -32.92 21.68
CA LEU A 380 -13.38 -31.94 20.69
C LEU A 380 -14.51 -31.61 19.72
N ALA A 381 -15.29 -32.61 19.30
CA ALA A 381 -16.46 -32.35 18.42
C ALA A 381 -17.44 -31.39 19.07
N GLU A 382 -17.69 -31.58 20.36
CA GLU A 382 -18.62 -30.75 21.10
C GLU A 382 -18.10 -29.30 21.25
N THR A 383 -16.80 -29.14 21.46
CA THR A 383 -16.17 -27.82 21.46
C THR A 383 -16.46 -27.05 20.16
N TYR A 384 -16.36 -27.73 19.02
CA TYR A 384 -16.68 -27.13 17.75
C TYR A 384 -18.17 -26.78 17.65
N ARG A 385 -19.05 -27.73 17.97
CA ARG A 385 -20.50 -27.45 17.96
C ARG A 385 -20.89 -26.27 18.84
N LYS A 386 -20.29 -26.13 20.02
CA LYS A 386 -20.63 -24.97 20.86
C LYS A 386 -20.07 -23.70 20.19
N ALA A 387 -18.82 -23.75 19.72
CA ALA A 387 -18.23 -22.63 18.95
C ALA A 387 -19.14 -22.08 17.84
N ILE A 388 -19.70 -22.96 17.03
CA ILE A 388 -20.66 -22.56 15.97
C ILE A 388 -21.93 -21.96 16.54
N GLU A 389 -22.44 -22.53 17.63
CA GLU A 389 -23.67 -22.00 18.21
C GLU A 389 -23.44 -20.55 18.70
N LEU A 390 -22.29 -20.27 19.29
CA LEU A 390 -21.96 -18.87 19.65
C LEU A 390 -21.78 -18.02 18.38
N LEU A 391 -21.19 -18.63 17.36
CA LEU A 391 -20.93 -17.91 16.11
C LEU A 391 -22.25 -17.49 15.49
N GLU A 392 -23.24 -18.37 15.53
CA GLU A 392 -24.55 -18.03 14.99
C GLU A 392 -25.29 -16.90 15.75
N GLU A 393 -25.28 -16.97 17.08
CA GLU A 393 -25.87 -15.97 17.99
C GLU A 393 -25.24 -14.58 17.75
N LEU A 394 -23.91 -14.57 17.78
CA LEU A 394 -23.16 -13.32 17.58
C LEU A 394 -23.36 -12.73 16.20
N THR A 395 -23.49 -13.58 15.18
CA THR A 395 -23.64 -13.08 13.80
C THR A 395 -25.10 -12.91 13.35
N HIS A 396 -26.06 -13.36 14.17
CA HIS A 396 -27.50 -13.27 13.84
C HIS A 396 -27.86 -14.08 12.62
N LYS A 397 -27.16 -15.19 12.42
CA LYS A 397 -27.36 -15.97 11.22
C LYS A 397 -27.18 -17.44 11.53
N VAL A 398 -27.92 -18.30 10.83
CA VAL A 398 -27.76 -19.76 10.89
C VAL A 398 -27.14 -20.22 9.57
N TYR A 399 -26.11 -21.07 9.64
CA TYR A 399 -25.34 -21.42 8.45
C TYR A 399 -25.67 -22.84 8.04
N LYS A 400 -25.21 -23.22 6.86
CA LYS A 400 -25.65 -24.48 6.27
C LYS A 400 -24.54 -25.48 6.02
N ARG A 401 -23.33 -24.99 5.75
CA ARG A 401 -22.23 -25.87 5.41
C ARG A 401 -20.91 -25.42 5.99
N ILE A 402 -19.94 -26.33 6.01
CA ILE A 402 -18.66 -26.09 6.65
C ILE A 402 -17.55 -26.69 5.77
N TYR A 403 -16.71 -25.83 5.18
CA TYR A 403 -15.52 -26.27 4.46
C TYR A 403 -14.35 -26.51 5.38
N VAL A 404 -13.75 -27.69 5.22
CA VAL A 404 -12.54 -28.08 5.93
C VAL A 404 -11.38 -27.41 5.20
N ILE A 405 -10.60 -26.62 5.94
CA ILE A 405 -9.36 -26.06 5.44
C ILE A 405 -8.21 -26.53 6.35
N GLY A 406 -6.97 -26.27 5.95
CA GLY A 406 -5.81 -26.69 6.76
C GLY A 406 -5.59 -28.17 7.10
N GLY A 407 -4.63 -28.39 8.01
CA GLY A 407 -4.16 -29.71 8.40
C GLY A 407 -5.24 -30.64 8.94
N GLY A 408 -5.12 -31.92 8.54
CA GLY A 408 -6.07 -32.95 8.92
C GLY A 408 -6.38 -33.97 7.81
N ALA A 409 -5.34 -34.61 7.26
CA ALA A 409 -5.52 -35.86 6.50
C ALA A 409 -5.98 -36.94 7.51
N ARG A 410 -5.41 -36.81 8.70
CA ARG A 410 -5.71 -37.60 9.90
C ARG A 410 -7.12 -37.34 10.45
N ALA A 411 -7.70 -36.20 10.08
CA ALA A 411 -8.96 -35.71 10.65
C ALA A 411 -10.23 -36.16 9.92
N SER A 412 -10.09 -36.94 8.84
CA SER A 412 -11.23 -37.31 8.01
C SER A 412 -12.42 -37.78 8.86
N TYR A 413 -12.15 -38.65 9.83
CA TYR A 413 -13.22 -39.18 10.68
C TYR A 413 -13.77 -38.10 11.61
N PHE A 414 -12.87 -37.29 12.17
CA PHE A 414 -13.27 -36.14 12.95
C PHE A 414 -14.22 -35.22 12.14
N ASN A 415 -14.08 -35.23 10.81
CA ASN A 415 -14.94 -34.40 9.97
C ASN A 415 -16.38 -34.92 9.94
N GLN A 416 -16.52 -36.21 9.66
CA GLN A 416 -17.82 -36.88 9.77
C GLN A 416 -18.41 -36.74 11.17
N MET A 417 -17.56 -36.83 12.20
CA MET A 417 -18.03 -36.52 13.55
C MET A 417 -18.57 -35.09 13.66
N ILE A 418 -17.90 -34.13 13.03
CA ILE A 418 -18.32 -32.72 13.03
C ILE A 418 -19.73 -32.62 12.44
N ALA A 419 -19.95 -33.21 11.25
CA ALA A 419 -21.28 -33.32 10.61
C ALA A 419 -22.36 -33.95 11.49
N ASP A 420 -22.03 -35.06 12.15
CA ASP A 420 -22.94 -35.72 13.10
C ASP A 420 -23.42 -34.76 14.20
N ARG A 421 -22.50 -34.11 14.90
CA ARG A 421 -22.88 -33.27 16.04
C ARG A 421 -23.39 -31.88 15.66
N THR A 422 -23.03 -31.37 14.49
CA THR A 422 -23.46 -30.02 14.14
C THR A 422 -24.71 -29.99 13.29
N GLY A 423 -25.02 -31.11 12.64
CA GLY A 423 -26.15 -31.15 11.71
C GLY A 423 -25.88 -30.47 10.38
N LYS A 424 -24.66 -30.00 10.16
CA LYS A 424 -24.33 -29.31 8.93
C LYS A 424 -23.51 -30.19 7.95
N GLU A 425 -23.68 -29.93 6.67
CA GLU A 425 -22.83 -30.55 5.67
C GLU A 425 -21.40 -30.13 5.98
N VAL A 426 -20.48 -31.06 5.85
CA VAL A 426 -19.04 -30.79 6.00
C VAL A 426 -18.44 -31.14 4.65
N LEU A 427 -17.69 -30.22 4.06
CA LEU A 427 -17.08 -30.50 2.75
C LEU A 427 -15.56 -30.56 2.91
N THR A 428 -14.96 -31.50 2.21
CA THR A 428 -13.53 -31.61 2.24
C THR A 428 -13.03 -31.56 0.80
N GLY A 429 -11.72 -31.70 0.60
CA GLY A 429 -11.08 -31.61 -0.73
C GLY A 429 -10.29 -30.32 -0.88
N LEU A 430 -10.08 -29.62 0.22
CA LEU A 430 -9.39 -28.31 0.23
C LEU A 430 -8.02 -28.38 0.96
N THR A 431 -7.38 -29.55 1.00
CA THR A 431 -6.06 -29.62 1.69
C THR A 431 -4.95 -28.76 1.04
N GLU A 432 -5.13 -28.37 -0.22
CA GLU A 432 -4.23 -27.40 -0.89
C GLU A 432 -4.64 -25.93 -0.61
N ALA A 433 -5.69 -25.74 0.20
CA ALA A 433 -6.32 -24.44 0.42
C ALA A 433 -5.32 -23.28 0.37
N THR A 434 -4.36 -23.32 1.28
CA THR A 434 -3.37 -22.26 1.48
C THR A 434 -2.55 -21.90 0.25
N ALA A 435 -1.97 -22.91 -0.38
CA ALA A 435 -1.22 -22.74 -1.64
C ALA A 435 -2.08 -22.13 -2.73
N VAL A 436 -3.31 -22.64 -2.91
CA VAL A 436 -4.25 -22.03 -3.89
C VAL A 436 -4.43 -20.52 -3.70
N GLY A 437 -4.75 -20.14 -2.46
CA GLY A 437 -4.98 -18.72 -2.16
C GLY A 437 -3.72 -17.91 -2.36
N ASN A 438 -2.59 -18.46 -1.91
CA ASN A 438 -1.26 -17.85 -2.17
C ASN A 438 -1.06 -17.62 -3.68
N ILE A 439 -1.13 -18.71 -4.46
CA ILE A 439 -0.98 -18.63 -5.94
C ILE A 439 -1.92 -17.64 -6.67
N VAL A 440 -3.21 -17.64 -6.38
CA VAL A 440 -4.13 -16.81 -7.18
C VAL A 440 -3.88 -15.33 -6.99
N VAL A 441 -3.64 -14.97 -5.74
CA VAL A 441 -3.24 -13.61 -5.40
C VAL A 441 -2.10 -13.20 -6.31
N GLN A 442 -1.09 -14.07 -6.50
CA GLN A 442 0.04 -13.67 -7.35
C GLN A 442 -0.34 -13.60 -8.83
N LEU A 443 -1.20 -14.51 -9.27
CA LEU A 443 -1.65 -14.56 -10.67
C LEU A 443 -2.40 -13.28 -11.03
N ILE A 444 -3.26 -12.82 -10.13
CA ILE A 444 -3.96 -11.56 -10.35
C ILE A 444 -2.95 -10.43 -10.41
N ALA A 445 -1.99 -10.42 -9.47
CA ALA A 445 -1.02 -9.34 -9.40
C ALA A 445 -0.13 -9.24 -10.66
N MET A 446 0.24 -10.39 -11.22
CA MET A 446 1.05 -10.37 -12.44
C MET A 446 0.15 -10.31 -13.72
N GLY A 447 -1.17 -10.43 -13.53
CA GLY A 447 -2.13 -10.20 -14.61
C GLY A 447 -2.41 -11.43 -15.44
N GLN A 448 -2.29 -12.60 -14.82
CA GLN A 448 -2.61 -13.84 -15.48
C GLN A 448 -4.08 -14.15 -15.33
N LEU A 449 -4.65 -13.69 -14.21
CA LEU A 449 -6.10 -13.76 -13.94
C LEU A 449 -6.60 -12.34 -13.79
N LYS A 450 -7.86 -12.11 -14.13
CA LYS A 450 -8.42 -10.75 -14.10
C LYS A 450 -8.64 -10.21 -12.67
N GLY A 451 -9.16 -11.05 -11.79
CA GLY A 451 -9.53 -10.64 -10.41
C GLY A 451 -10.12 -11.81 -9.64
N MET A 452 -10.68 -11.52 -8.46
CA MET A 452 -11.31 -12.56 -7.65
C MET A 452 -12.47 -13.23 -8.39
N GLU A 453 -13.14 -12.42 -9.22
CA GLU A 453 -14.09 -12.87 -10.23
C GLU A 453 -13.68 -14.23 -10.81
N GLU A 454 -12.73 -14.19 -11.75
CA GLU A 454 -12.18 -15.37 -12.42
C GLU A 454 -11.58 -16.38 -11.47
N ALA A 455 -10.90 -15.86 -10.43
CA ALA A 455 -10.19 -16.68 -9.46
C ALA A 455 -11.12 -17.68 -8.82
N HIS A 456 -12.32 -17.23 -8.49
CA HIS A 456 -13.31 -18.13 -7.91
C HIS A 456 -13.73 -19.21 -8.90
N HIS A 457 -13.98 -18.80 -10.14
CA HIS A 457 -14.34 -19.77 -11.19
C HIS A 457 -13.22 -20.80 -11.45
N VAL A 458 -11.97 -20.35 -11.30
CA VAL A 458 -10.77 -21.21 -11.45
C VAL A 458 -10.49 -22.13 -10.26
N ILE A 459 -10.72 -21.66 -9.03
CA ILE A 459 -10.54 -22.50 -7.83
C ILE A 459 -11.59 -23.58 -7.74
N GLU A 460 -12.83 -23.18 -7.98
CA GLU A 460 -13.96 -24.12 -7.97
C GLU A 460 -13.81 -25.21 -9.04
N GLU A 461 -13.35 -24.84 -10.23
CA GLU A 461 -12.98 -25.87 -11.24
C GLU A 461 -11.95 -26.85 -10.67
N PHE A 462 -10.97 -26.30 -9.94
CA PHE A 462 -9.83 -27.08 -9.43
C PHE A 462 -10.19 -28.04 -8.30
N LEU A 463 -11.05 -27.58 -7.37
CA LEU A 463 -11.37 -28.34 -6.15
C LEU A 463 -12.28 -29.56 -6.41
N GLN A 464 -11.91 -30.68 -5.81
CA GLN A 464 -12.74 -31.89 -5.88
C GLN A 464 -13.51 -32.11 -4.58
N LEU A 465 -14.62 -31.38 -4.45
CA LEU A 465 -15.34 -31.34 -3.18
C LEU A 465 -16.12 -32.61 -2.88
N GLU A 466 -15.97 -33.08 -1.64
CA GLU A 466 -16.62 -34.26 -1.08
C GLU A 466 -17.43 -33.89 0.18
N SER A 467 -18.70 -34.30 0.25
CA SER A 467 -19.58 -33.97 1.38
C SER A 467 -19.73 -35.07 2.44
N TYR A 468 -19.86 -34.65 3.69
CA TYR A 468 -20.24 -35.53 4.79
C TYR A 468 -21.54 -35.00 5.41
N TYR A 469 -22.43 -35.94 5.72
CA TYR A 469 -23.73 -35.65 6.33
C TYR A 469 -23.88 -36.39 7.66
N SER A 470 -24.63 -35.78 8.59
CA SER A 470 -24.89 -36.38 9.90
C SER A 470 -25.48 -37.80 9.77
N GLN A 471 -24.82 -38.78 10.37
CA GLN A 471 -25.34 -40.15 10.51
C GLN A 471 -25.82 -40.38 11.92
N LYS A 472 -26.82 -41.24 12.05
CA LYS A 472 -27.34 -41.63 13.36
C LYS A 472 -26.31 -42.46 14.08
N ASN A 473 -26.48 -42.53 15.40
CA ASN A 473 -25.87 -43.50 16.28
C ASN A 473 -25.29 -42.80 17.49
N GLY B 5 -12.80 -2.34 -31.97
CA GLY B 5 -11.74 -1.98 -31.00
C GLY B 5 -11.10 -3.31 -30.70
N SER B 6 -9.80 -3.28 -30.35
CA SER B 6 -9.01 -4.52 -30.21
C SER B 6 -7.66 -4.51 -29.41
N HIS B 7 -6.82 -3.47 -29.52
CA HIS B 7 -5.54 -3.42 -28.75
C HIS B 7 -5.66 -3.17 -27.24
N GLU B 8 -5.04 -4.04 -26.45
CA GLU B 8 -4.89 -3.83 -25.01
C GLU B 8 -4.17 -2.52 -24.76
N ALA B 9 -4.84 -1.62 -24.02
CA ALA B 9 -4.37 -0.24 -23.79
C ALA B 9 -4.75 0.28 -22.40
N VAL B 10 -4.04 1.31 -21.95
CA VAL B 10 -4.38 1.89 -20.63
C VAL B 10 -4.74 3.34 -20.89
N LEU B 11 -5.51 3.97 -19.99
CA LEU B 11 -5.97 5.33 -20.19
C LEU B 11 -5.40 6.27 -19.10
N ALA B 12 -4.78 7.35 -19.55
CA ALA B 12 -4.18 8.34 -18.65
C ALA B 12 -5.08 9.54 -18.71
N ILE B 13 -5.59 9.93 -17.55
CA ILE B 13 -6.31 11.18 -17.39
C ILE B 13 -5.41 12.20 -16.65
N ASP B 14 -4.98 13.27 -17.33
CA ASP B 14 -4.03 14.22 -16.76
C ASP B 14 -4.82 15.48 -16.61
N LEU B 15 -5.06 15.86 -15.36
CA LEU B 15 -5.93 16.97 -15.12
C LEU B 15 -5.06 18.11 -14.57
N GLY B 16 -4.70 19.03 -15.46
CA GLY B 16 -4.05 20.27 -15.06
C GLY B 16 -5.05 21.26 -14.48
N ALA B 17 -4.52 22.26 -13.78
CA ALA B 17 -5.30 23.32 -13.18
C ALA B 17 -6.03 24.20 -14.22
N THR B 18 -5.48 24.26 -15.44
CA THR B 18 -6.12 25.09 -16.47
C THR B 18 -6.67 24.26 -17.65
N SER B 19 -6.29 22.98 -17.74
CA SER B 19 -6.87 22.09 -18.78
C SER B 19 -6.66 20.61 -18.48
N GLY B 20 -7.49 19.76 -19.09
CA GLY B 20 -7.37 18.32 -18.91
C GLY B 20 -7.26 17.59 -20.24
N ARG B 21 -6.58 16.46 -20.21
CA ARG B 21 -6.47 15.61 -21.37
C ARG B 21 -6.65 14.15 -21.01
N ALA B 22 -7.21 13.39 -21.94
CA ALA B 22 -7.23 11.94 -21.81
C ALA B 22 -6.45 11.26 -22.95
N ILE B 23 -5.56 10.34 -22.58
CA ILE B 23 -4.64 9.73 -23.51
C ILE B 23 -4.49 8.21 -23.35
N VAL B 24 -4.71 7.47 -24.43
CA VAL B 24 -4.53 6.03 -24.41
C VAL B 24 -3.06 5.66 -24.70
N GLY B 25 -2.49 4.82 -23.86
CA GLY B 25 -1.14 4.35 -24.10
C GLY B 25 -1.23 2.89 -24.38
N TYR B 26 -0.43 2.41 -25.35
CA TYR B 26 -0.34 1.00 -25.57
C TYR B 26 0.96 0.59 -26.27
N LEU B 27 1.24 -0.70 -26.18
CA LEU B 27 2.41 -1.27 -26.81
C LEU B 27 2.00 -1.86 -28.15
N SER B 28 2.64 -1.35 -29.19
CA SER B 28 2.65 -1.95 -30.50
C SER B 28 4.09 -2.36 -30.84
N GLU B 29 4.30 -3.64 -31.13
CA GLU B 29 5.63 -4.15 -31.55
C GLU B 29 6.72 -3.94 -30.49
N ASN B 30 6.35 -4.00 -29.21
CA ASN B 30 7.26 -3.65 -28.11
C ASN B 30 7.56 -2.13 -28.01
N LYS B 31 6.88 -1.32 -28.82
CA LYS B 31 7.08 0.12 -28.80
C LYS B 31 5.84 0.86 -28.28
N LEU B 32 6.02 2.09 -27.82
CA LEU B 32 4.95 2.87 -27.18
C LEU B 32 4.20 3.78 -28.14
N VAL B 33 2.88 3.61 -28.17
CA VAL B 33 2.01 4.50 -28.91
C VAL B 33 1.05 5.16 -27.93
N MET B 34 0.89 6.47 -28.09
CA MET B 34 -0.04 7.22 -27.31
C MET B 34 -1.00 7.88 -28.26
N GLU B 35 -2.27 7.94 -27.87
CA GLU B 35 -3.24 8.68 -28.66
C GLU B 35 -4.11 9.53 -27.74
N GLU B 36 -4.23 10.82 -28.04
CA GLU B 36 -5.20 11.66 -27.36
C GLU B 36 -6.60 11.25 -27.81
N ILE B 37 -7.54 11.19 -26.88
CA ILE B 37 -8.91 10.88 -27.28
C ILE B 37 -9.84 12.00 -26.83
N ASN B 38 -9.38 12.83 -25.91
CA ASN B 38 -10.20 13.88 -25.36
C ASN B 38 -9.33 14.97 -24.79
N ARG B 39 -9.79 16.20 -24.87
CA ARG B 39 -9.20 17.32 -24.11
C ARG B 39 -10.34 18.24 -23.74
N PHE B 40 -10.15 19.03 -22.69
CA PHE B 40 -11.13 20.02 -22.24
C PHE B 40 -10.38 21.15 -21.56
N SER B 41 -11.07 22.25 -21.26
CA SER B 41 -10.47 23.27 -20.42
C SER B 41 -10.95 23.02 -19.01
N ASN B 42 -10.17 23.46 -18.04
CA ASN B 42 -10.56 23.36 -16.64
C ASN B 42 -10.75 24.76 -16.10
N LEU B 43 -12.00 25.15 -15.98
CA LEU B 43 -12.36 26.53 -15.76
C LEU B 43 -12.96 26.70 -14.37
N PRO B 44 -12.23 27.39 -13.48
CA PRO B 44 -12.72 27.50 -12.11
C PRO B 44 -14.06 28.25 -12.05
N ILE B 45 -14.83 28.05 -10.98
CA ILE B 45 -16.11 28.73 -10.78
C ILE B 45 -16.22 29.32 -9.37
N ARG B 46 -17.19 30.21 -9.17
CA ARG B 46 -17.49 30.68 -7.82
C ARG B 46 -18.70 29.94 -7.23
N VAL B 47 -18.51 29.40 -6.04
CA VAL B 47 -19.56 28.70 -5.29
C VAL B 47 -19.53 29.31 -3.88
N LYS B 48 -20.58 30.04 -3.52
CA LYS B 48 -20.69 30.71 -2.22
C LYS B 48 -19.43 31.52 -1.85
N GLY B 49 -19.03 32.41 -2.77
CA GLY B 49 -17.94 33.35 -2.52
C GLY B 49 -16.52 32.86 -2.81
N HIS B 50 -16.32 31.54 -2.81
CA HIS B 50 -14.97 30.98 -3.02
C HIS B 50 -14.75 30.50 -4.45
N LEU B 51 -13.64 30.93 -5.06
CA LEU B 51 -13.12 30.29 -6.29
C LEU B 51 -12.95 28.80 -5.97
N SER B 52 -13.54 27.94 -6.80
CA SER B 52 -13.67 26.51 -6.55
C SER B 52 -13.58 25.72 -7.85
N TRP B 53 -13.32 24.42 -7.72
CA TRP B 53 -13.25 23.52 -8.86
C TRP B 53 -14.65 23.01 -9.19
N ASP B 54 -14.90 22.85 -10.48
CA ASP B 54 -16.20 22.45 -10.99
C ASP B 54 -16.18 20.92 -11.13
N ILE B 55 -16.47 20.23 -10.04
CA ILE B 55 -16.29 18.77 -9.96
C ILE B 55 -17.20 18.00 -10.92
N ASP B 56 -18.50 18.27 -10.90
CA ASP B 56 -19.41 17.64 -11.89
C ASP B 56 -18.85 17.66 -13.31
N PHE B 57 -18.39 18.83 -13.74
CA PHE B 57 -17.80 18.97 -15.07
C PHE B 57 -16.58 18.05 -15.28
N LEU B 58 -15.73 17.95 -14.27
CA LEU B 58 -14.49 17.21 -14.43
C LEU B 58 -14.81 15.70 -14.49
N LEU B 59 -15.64 15.23 -13.57
CA LEU B 59 -16.09 13.83 -13.57
C LEU B 59 -16.78 13.44 -14.88
N ALA B 60 -17.64 14.31 -15.36
CA ALA B 60 -18.36 14.08 -16.61
C ALA B 60 -17.35 13.99 -17.77
N LYS B 61 -16.28 14.78 -17.73
CA LYS B 61 -15.24 14.69 -18.77
C LYS B 61 -14.47 13.41 -18.64
N ILE B 62 -14.26 12.96 -17.40
CA ILE B 62 -13.60 11.67 -17.14
C ILE B 62 -14.44 10.50 -17.67
N LEU B 63 -15.71 10.42 -17.30
CA LEU B 63 -16.61 9.34 -17.78
C LEU B 63 -16.75 9.29 -19.32
N GLU B 64 -16.87 10.45 -19.96
CA GLU B 64 -16.88 10.53 -21.42
C GLU B 64 -15.59 9.98 -22.03
N SER B 65 -14.43 10.36 -21.47
CA SER B 65 -13.13 9.80 -21.85
C SER B 65 -13.08 8.32 -21.77
N ILE B 66 -13.62 7.74 -20.72
CA ILE B 66 -13.61 6.28 -20.58
C ILE B 66 -14.50 5.63 -21.64
N ARG B 67 -15.65 6.26 -21.94
CA ARG B 67 -16.55 5.81 -23.01
C ARG B 67 -15.81 5.73 -24.38
N LEU B 68 -15.18 6.83 -24.77
CA LEU B 68 -14.40 6.89 -26.02
C LEU B 68 -13.31 5.85 -26.06
N ALA B 69 -12.56 5.72 -24.97
CA ALA B 69 -11.49 4.75 -24.89
C ALA B 69 -12.02 3.32 -25.03
N ASN B 70 -13.12 3.02 -24.35
CA ASN B 70 -13.76 1.69 -24.46
C ASN B 70 -14.17 1.35 -25.92
N THR B 71 -14.58 2.39 -26.66
CA THR B 71 -15.07 2.24 -28.02
C THR B 71 -13.96 1.68 -28.91
N SER B 72 -12.71 2.11 -28.71
CA SER B 72 -11.60 1.76 -29.63
C SER B 72 -10.51 0.82 -29.11
N TYR B 73 -10.45 0.58 -27.80
CA TYR B 73 -9.36 -0.20 -27.24
C TYR B 73 -9.85 -1.18 -26.18
N LYS B 74 -9.14 -2.29 -25.97
CA LYS B 74 -9.41 -3.17 -24.83
C LYS B 74 -8.77 -2.46 -23.61
N ILE B 75 -9.55 -1.66 -22.86
CA ILE B 75 -8.98 -0.86 -21.74
C ILE B 75 -8.64 -1.74 -20.55
N LEU B 76 -7.37 -1.70 -20.13
CA LEU B 76 -6.89 -2.58 -19.06
C LEU B 76 -6.96 -1.90 -17.72
N SER B 77 -6.76 -0.58 -17.72
CA SER B 77 -6.80 0.24 -16.51
C SER B 77 -6.93 1.72 -16.85
N ILE B 78 -7.21 2.55 -15.85
CA ILE B 78 -7.25 4.02 -15.99
C ILE B 78 -6.38 4.62 -14.86
N GLY B 79 -5.69 5.73 -15.09
CA GLY B 79 -4.89 6.37 -14.02
C GLY B 79 -5.12 7.88 -14.07
N ILE B 80 -5.33 8.52 -12.93
CA ILE B 80 -5.58 9.97 -12.91
C ILE B 80 -4.43 10.69 -12.17
N ASP B 81 -3.81 11.69 -12.81
CA ASP B 81 -2.92 12.61 -12.09
C ASP B 81 -3.50 14.01 -12.16
N THR B 82 -3.21 14.85 -11.17
CA THR B 82 -3.83 16.19 -11.08
C THR B 82 -2.81 17.20 -10.50
N TRP B 83 -3.25 18.44 -10.31
CA TRP B 83 -2.46 19.52 -9.66
C TRP B 83 -2.42 19.24 -8.14
N GLY B 84 -1.50 19.86 -7.41
CA GLY B 84 -1.27 19.44 -6.03
C GLY B 84 -2.19 20.16 -5.05
N VAL B 85 -1.98 19.88 -3.76
CA VAL B 85 -2.55 20.62 -2.63
C VAL B 85 -4.08 20.64 -2.45
N ASP B 86 -4.84 20.76 -3.52
CA ASP B 86 -6.29 21.01 -3.36
C ASP B 86 -7.02 19.72 -3.03
N PHE B 87 -8.13 19.85 -2.30
CA PHE B 87 -8.78 18.70 -1.70
C PHE B 87 -10.30 18.86 -1.66
N GLY B 88 -11.00 17.74 -1.47
CA GLY B 88 -12.42 17.79 -1.17
C GLY B 88 -12.68 17.13 0.17
N LEU B 89 -13.84 17.37 0.75
CA LEU B 89 -14.20 16.74 2.02
C LEU B 89 -15.37 15.81 1.76
N ILE B 90 -15.26 14.59 2.29
CA ILE B 90 -16.22 13.50 2.14
C ILE B 90 -16.79 13.21 3.53
N ASP B 91 -18.11 13.28 3.65
CA ASP B 91 -18.79 13.14 4.95
C ASP B 91 -18.96 11.66 5.36
N ASN B 92 -19.61 11.42 6.50
CA ASN B 92 -19.87 10.04 7.01
C ASN B 92 -20.80 9.20 6.13
N GLU B 93 -21.54 9.88 5.25
CA GLU B 93 -22.38 9.18 4.30
C GLU B 93 -21.62 8.86 3.03
N GLY B 94 -20.39 9.36 2.90
CA GLY B 94 -19.63 9.12 1.69
C GLY B 94 -19.79 10.22 0.67
N LYS B 95 -20.57 11.25 1.01
CA LYS B 95 -20.93 12.36 0.11
C LYS B 95 -19.92 13.49 0.12
N LEU B 96 -19.78 14.18 -1.01
CA LEU B 96 -18.95 15.34 -1.07
C LEU B 96 -19.60 16.48 -0.25
N LEU B 97 -18.88 16.96 0.75
CA LEU B 97 -19.48 17.87 1.72
C LEU B 97 -19.68 19.26 1.14
N LEU B 98 -18.69 19.75 0.40
CA LEU B 98 -18.76 21.03 -0.31
C LEU B 98 -17.84 21.04 -1.54
N GLN B 99 -18.09 21.98 -2.44
CA GLN B 99 -17.25 22.09 -3.63
C GLN B 99 -15.77 22.22 -3.23
N PRO B 100 -14.87 21.40 -3.80
CA PRO B 100 -13.44 21.64 -3.54
C PRO B 100 -12.98 23.03 -3.97
N VAL B 101 -12.22 23.67 -3.08
CA VAL B 101 -11.80 25.06 -3.23
C VAL B 101 -10.47 25.16 -3.97
N HIS B 102 -10.34 26.19 -4.81
CA HIS B 102 -9.13 26.46 -5.60
C HIS B 102 -7.93 26.89 -4.73
N TYR B 103 -6.71 26.51 -5.10
CA TYR B 103 -5.52 26.97 -4.35
C TYR B 103 -5.30 28.50 -4.39
N ARG B 104 -5.86 29.17 -5.41
CA ARG B 104 -5.71 30.62 -5.59
C ARG B 104 -6.89 31.40 -4.99
N ASP B 105 -7.76 30.73 -4.27
CA ASP B 105 -8.84 31.42 -3.60
C ASP B 105 -8.21 32.34 -2.55
N GLU B 106 -8.99 33.22 -1.95
CA GLU B 106 -8.35 34.24 -1.13
C GLU B 106 -8.24 33.83 0.34
N ARG B 107 -8.92 32.75 0.72
CA ARG B 107 -9.08 32.39 2.13
C ARG B 107 -7.79 32.14 2.90
N THR B 108 -6.69 31.83 2.22
CA THR B 108 -5.41 31.58 2.87
C THR B 108 -4.49 32.83 3.01
N LYS B 109 -4.90 33.97 2.44
CA LYS B 109 -4.24 35.27 2.70
C LYS B 109 -3.84 35.44 4.14
N GLY B 110 -2.54 35.61 4.36
CA GLY B 110 -2.04 35.95 5.68
C GLY B 110 -1.97 34.81 6.66
N VAL B 111 -2.28 33.59 6.21
CA VAL B 111 -2.35 32.42 7.14
C VAL B 111 -1.04 32.19 7.91
N LEU B 112 0.07 32.61 7.31
CA LEU B 112 1.37 32.20 7.87
C LEU B 112 1.73 32.87 9.21
N LYS B 113 1.19 34.06 9.43
CA LYS B 113 1.32 34.75 10.71
C LYS B 113 0.83 33.83 11.83
N GLU B 114 -0.44 33.48 11.81
CA GLU B 114 -0.98 32.60 12.85
C GLU B 114 -0.16 31.33 12.90
N ILE B 115 0.20 30.78 11.73
CA ILE B 115 0.90 29.50 11.72
C ILE B 115 2.20 29.63 12.51
N SER B 116 2.86 30.77 12.32
CA SER B 116 4.12 31.03 13.02
C SER B 116 3.95 31.20 14.51
N GLU B 117 2.78 31.66 14.94
CA GLU B 117 2.54 31.74 16.37
C GLU B 117 2.53 30.35 17.01
N MET B 118 1.93 29.35 16.34
CA MET B 118 1.94 27.99 16.88
C MET B 118 3.22 27.21 16.59
N THR B 119 3.98 27.59 15.57
CA THR B 119 5.29 26.99 15.43
C THR B 119 6.30 27.80 14.64
N GLU B 120 7.59 27.60 14.90
CA GLU B 120 8.61 28.17 14.04
C GLU B 120 8.45 27.51 12.67
N LEU B 121 8.54 28.32 11.62
CA LEU B 121 8.36 27.80 10.27
C LEU B 121 9.45 26.80 9.86
N GLU B 122 10.67 27.04 10.28
CA GLU B 122 11.74 26.07 10.03
C GLU B 122 11.46 24.66 10.61
N LYS B 123 10.79 24.58 11.74
CA LYS B 123 10.55 23.28 12.39
C LYS B 123 9.46 22.46 11.69
N LEU B 124 8.54 23.16 11.04
CA LEU B 124 7.59 22.54 10.16
C LEU B 124 8.28 21.98 8.89
N TYR B 125 9.10 22.79 8.21
CA TYR B 125 9.91 22.28 7.08
C TYR B 125 10.75 21.05 7.45
N SER B 126 11.37 21.07 8.63
CA SER B 126 12.23 19.94 8.97
C SER B 126 11.40 18.64 9.16
N GLU B 127 10.09 18.78 9.30
CA GLU B 127 9.22 17.63 9.46
C GLU B 127 8.70 17.13 8.12
N THR B 128 8.49 18.06 7.18
CA THR B 128 7.68 17.79 6.00
C THR B 128 8.40 18.11 4.70
N GLY B 129 9.50 18.86 4.77
CA GLY B 129 10.30 19.24 3.62
C GLY B 129 9.70 20.07 2.49
N ASN B 130 8.46 20.58 2.64
CA ASN B 130 7.87 21.47 1.65
C ASN B 130 8.23 22.91 1.91
N GLN B 131 8.50 23.67 0.83
CA GLN B 131 8.58 25.10 1.03
C GLN B 131 7.23 25.54 1.59
N ILE B 132 7.28 26.41 2.58
CA ILE B 132 6.11 26.80 3.31
C ILE B 132 5.39 27.90 2.56
N MET B 133 4.30 27.51 1.90
CA MET B 133 3.50 28.42 1.08
CA MET B 133 3.50 28.41 1.07
C MET B 133 2.07 28.43 1.59
N GLU B 134 1.43 29.61 1.52
CA GLU B 134 0.04 29.81 1.98
C GLU B 134 -0.89 28.73 1.41
N ILE B 135 -0.64 28.33 0.15
CA ILE B 135 -1.48 27.36 -0.53
C ILE B 135 -1.44 25.89 -0.06
N ASN B 136 -0.45 25.52 0.76
CA ASN B 136 -0.22 24.14 1.16
C ASN B 136 -1.38 23.56 1.94
N THR B 137 -1.70 22.30 1.67
CA THR B 137 -2.95 21.69 2.14
C THR B 137 -3.17 21.91 3.62
N LEU B 138 -2.13 21.70 4.42
CA LEU B 138 -2.23 21.96 5.88
C LEU B 138 -2.84 23.35 6.24
N PHE B 139 -2.53 24.37 5.45
CA PHE B 139 -3.02 25.73 5.75
C PHE B 139 -4.41 25.99 5.19
N GLN B 140 -4.68 25.49 3.97
CA GLN B 140 -6.09 25.49 3.45
C GLN B 140 -7.02 24.84 4.48
N LEU B 141 -6.61 23.72 5.06
CA LEU B 141 -7.42 23.06 6.07
C LEU B 141 -7.52 23.92 7.34
N PHE B 142 -6.37 24.35 7.88
CA PHE B 142 -6.42 25.20 9.08
C PHE B 142 -7.48 26.30 8.86
N LYS B 143 -7.47 26.95 7.70
CA LYS B 143 -8.42 28.02 7.40
C LYS B 143 -9.85 27.60 7.09
N ALA B 144 -10.04 26.38 6.58
CA ALA B 144 -11.38 25.85 6.36
C ALA B 144 -12.05 25.60 7.69
N ARG B 145 -11.31 24.98 8.58
CA ARG B 145 -11.85 24.58 9.86
C ARG B 145 -12.08 25.81 10.74
N GLN B 146 -11.12 26.73 10.74
CA GLN B 146 -11.21 27.98 11.52
C GLN B 146 -12.51 28.68 11.21
N GLU B 147 -12.72 28.89 9.91
CA GLU B 147 -13.90 29.56 9.43
C GLU B 147 -15.19 28.73 9.62
N SER B 148 -15.07 27.40 9.64
CA SER B 148 -16.28 26.57 9.66
C SER B 148 -16.10 25.25 10.38
N PRO B 149 -15.90 25.32 11.70
CA PRO B 149 -15.54 24.13 12.49
C PRO B 149 -16.70 23.17 12.56
N ASP B 150 -17.87 23.78 12.68
CA ASP B 150 -19.16 23.12 12.82
C ASP B 150 -19.53 22.43 11.54
N SER B 151 -19.05 22.97 10.43
CA SER B 151 -19.08 22.27 9.14
C SER B 151 -17.94 21.27 9.02
N PHE B 152 -16.91 21.42 9.84
CA PHE B 152 -15.71 20.58 9.71
C PHE B 152 -15.78 19.29 10.50
N TYR B 153 -16.65 19.23 11.52
CA TYR B 153 -16.94 17.99 12.30
C TYR B 153 -17.66 16.94 11.44
N LYS B 154 -18.26 17.42 10.37
CA LYS B 154 -19.00 16.56 9.47
C LYS B 154 -18.02 15.69 8.62
N THR B 155 -16.80 16.17 8.43
CA THR B 155 -15.82 15.47 7.57
C THR B 155 -15.40 14.08 8.10
N ASN B 156 -15.58 13.05 7.28
CA ASN B 156 -14.99 11.77 7.54
C ASN B 156 -13.61 11.59 6.88
N LYS B 157 -13.45 12.03 5.60
CA LYS B 157 -12.16 11.95 4.88
C LYS B 157 -11.81 13.22 4.13
N ILE B 158 -10.53 13.56 4.13
CA ILE B 158 -10.04 14.61 3.31
C ILE B 158 -9.36 13.91 2.17
N LEU B 159 -9.73 14.25 0.94
CA LEU B 159 -9.21 13.61 -0.24
C LEU B 159 -8.63 14.69 -1.16
N LEU B 160 -7.34 14.56 -1.48
CA LEU B 160 -6.71 15.40 -2.50
C LEU B 160 -7.25 14.99 -3.89
N MET B 161 -7.06 15.85 -4.88
CA MET B 161 -7.80 15.73 -6.14
C MET B 161 -7.72 14.37 -6.84
N PRO B 162 -6.55 13.69 -6.86
CA PRO B 162 -6.62 12.39 -7.54
C PRO B 162 -7.39 11.40 -6.68
N ASP B 163 -7.18 11.42 -5.36
CA ASP B 163 -7.97 10.59 -4.41
C ASP B 163 -9.49 10.75 -4.62
N LEU B 164 -9.92 11.96 -4.95
CA LEU B 164 -11.32 12.35 -4.92
C LEU B 164 -11.94 11.73 -6.13
N PHE B 165 -11.28 11.94 -7.28
CA PHE B 165 -11.76 11.32 -8.50
C PHE B 165 -11.72 9.78 -8.40
N ASN B 166 -10.60 9.21 -7.95
CA ASN B 166 -10.55 7.75 -7.70
C ASN B 166 -11.70 7.24 -6.83
N TYR B 167 -12.02 8.00 -5.78
CA TYR B 167 -13.06 7.66 -4.82
C TYR B 167 -14.43 7.68 -5.45
N LEU B 168 -14.70 8.71 -6.23
CA LEU B 168 -15.98 8.83 -6.92
C LEU B 168 -16.12 7.75 -8.00
N LEU B 169 -15.00 7.21 -8.48
CA LEU B 169 -15.01 6.13 -9.45
C LEU B 169 -15.12 4.72 -8.87
N THR B 170 -14.43 4.48 -7.76
CA THR B 170 -14.34 3.14 -7.15
C THR B 170 -15.12 3.00 -5.81
N GLY B 171 -15.41 4.12 -5.13
CA GLY B 171 -15.84 4.07 -3.73
C GLY B 171 -14.77 3.69 -2.72
N LYS B 172 -13.49 3.71 -3.14
CA LYS B 172 -12.37 3.34 -2.27
C LYS B 172 -11.58 4.60 -1.95
N PHE B 173 -11.02 4.68 -0.74
CA PHE B 173 -10.22 5.85 -0.31
C PHE B 173 -8.75 5.49 -0.33
N ALA B 174 -7.88 6.36 -0.83
CA ALA B 174 -6.42 6.19 -0.69
C ALA B 174 -5.70 7.44 -1.18
N THR B 175 -4.42 7.57 -0.83
CA THR B 175 -3.58 8.72 -1.20
C THR B 175 -2.17 8.25 -1.58
N GLU B 176 -1.82 8.47 -2.84
CA GLU B 176 -0.49 8.09 -3.28
C GLU B 176 0.55 9.16 -2.81
N LYS B 177 1.77 8.71 -2.61
CA LYS B 177 2.87 9.46 -2.04
C LYS B 177 3.17 10.80 -2.65
N SER B 178 3.23 10.85 -3.97
CA SER B 178 3.59 12.07 -4.66
C SER B 178 2.62 13.20 -4.39
N ILE B 179 1.33 12.91 -4.45
CA ILE B 179 0.30 13.95 -4.19
C ILE B 179 0.33 14.36 -2.72
N ALA B 180 0.49 13.38 -1.84
CA ALA B 180 0.54 13.58 -0.39
C ALA B 180 1.72 14.46 -0.03
N SER B 181 2.77 14.30 -0.80
CA SER B 181 3.98 15.06 -0.57
C SER B 181 3.75 16.57 -0.81
N THR B 182 2.62 16.98 -1.41
CA THR B 182 2.34 18.42 -1.61
C THR B 182 1.74 19.11 -0.36
N THR B 183 1.36 18.32 0.65
CA THR B 183 0.40 18.80 1.66
C THR B 183 1.00 19.58 2.84
N GLN B 184 2.30 19.41 3.12
CA GLN B 184 2.87 19.84 4.41
C GLN B 184 2.33 18.98 5.57
N LEU B 185 1.82 17.78 5.27
CA LEU B 185 1.36 16.87 6.33
C LEU B 185 2.09 15.53 6.30
N PHE B 186 3.11 15.47 5.45
CA PHE B 186 3.72 14.22 5.00
C PHE B 186 5.25 14.28 5.18
N ASP B 187 5.78 13.25 5.78
CA ASP B 187 7.17 13.18 6.11
C ASP B 187 7.89 12.51 4.95
N PRO B 188 8.82 13.24 4.29
CA PRO B 188 9.44 12.60 3.14
C PRO B 188 10.52 11.58 3.51
N ARG B 189 10.84 11.45 4.81
CA ARG B 189 11.86 10.49 5.24
C ARG B 189 11.19 9.11 5.26
N SER B 190 10.24 8.96 6.17
CA SER B 190 9.41 7.77 6.32
C SER B 190 8.44 7.54 5.13
N GLN B 191 8.00 8.62 4.48
CA GLN B 191 6.97 8.55 3.42
C GLN B 191 5.60 8.05 3.94
N ASN B 192 5.22 8.58 5.09
CA ASN B 192 3.87 8.44 5.63
C ASN B 192 3.39 9.79 6.19
N TRP B 193 2.14 9.85 6.67
CA TRP B 193 1.66 11.09 7.26
C TRP B 193 2.52 11.37 8.47
N ASN B 194 2.83 12.65 8.71
CA ASN B 194 3.60 13.02 9.87
C ASN B 194 2.70 13.26 11.04
N GLN B 195 2.72 12.31 11.96
CA GLN B 195 1.86 12.31 13.12
C GLN B 195 2.09 13.53 14.02
N ASN B 196 3.34 13.98 14.10
CA ASN B 196 3.65 15.11 14.97
C ASN B 196 2.91 16.36 14.48
N ILE B 197 2.93 16.58 13.17
CA ILE B 197 2.22 17.69 12.58
C ILE B 197 0.68 17.61 12.75
N LEU B 198 0.10 16.43 12.48
CA LEU B 198 -1.36 16.32 12.61
C LEU B 198 -1.80 16.75 14.03
N LYS B 199 -1.14 16.18 15.03
CA LYS B 199 -1.39 16.53 16.44
C LYS B 199 -1.16 18.01 16.78
N LEU B 200 -0.12 18.64 16.21
CA LEU B 200 0.15 20.05 16.54
C LEU B 200 -1.01 20.85 16.05
N PHE B 201 -1.61 20.40 14.95
CA PHE B 201 -2.80 21.05 14.45
C PHE B 201 -4.10 20.33 14.83
N GLU B 202 -4.00 19.32 15.70
CA GLU B 202 -5.16 18.57 16.16
C GLU B 202 -5.99 18.02 15.00
N LEU B 203 -5.31 17.39 14.05
CA LEU B 203 -5.99 16.68 12.97
C LEU B 203 -5.99 15.20 13.25
N ASP B 204 -7.19 14.63 13.39
CA ASP B 204 -7.30 13.20 13.67
C ASP B 204 -6.69 12.53 12.46
N SER B 205 -5.92 11.46 12.69
CA SER B 205 -5.29 10.81 11.55
C SER B 205 -6.30 10.01 10.74
N SER B 206 -7.49 9.79 11.32
CA SER B 206 -8.52 9.05 10.61
C SER B 206 -9.18 9.94 9.56
N LEU B 207 -8.84 11.22 9.52
CA LEU B 207 -9.36 12.09 8.45
C LEU B 207 -8.64 11.86 7.14
N LEU B 208 -7.48 11.19 7.20
CA LEU B 208 -6.64 11.04 6.02
C LEU B 208 -6.58 9.61 5.57
N PRO B 209 -6.71 9.37 4.23
CA PRO B 209 -6.71 8.06 3.65
C PRO B 209 -5.33 7.48 3.78
N GLU B 210 -5.23 6.16 3.74
CA GLU B 210 -3.92 5.47 3.87
C GLU B 210 -3.10 5.74 2.63
N ILE B 211 -1.80 5.88 2.83
CA ILE B 211 -0.83 6.20 1.79
C ILE B 211 -0.53 4.93 1.01
N VAL B 212 -0.49 5.04 -0.30
CA VAL B 212 -0.06 3.93 -1.12
C VAL B 212 1.03 4.43 -2.07
N SER B 213 1.81 3.49 -2.59
CA SER B 213 2.83 3.74 -3.62
C SER B 213 2.23 3.67 -5.01
N GLU B 214 2.77 4.45 -5.97
CA GLU B 214 2.32 4.30 -7.38
C GLU B 214 2.36 2.82 -7.81
N GLY B 215 1.50 2.42 -8.75
CA GLY B 215 1.40 1.00 -9.14
C GLY B 215 0.29 0.25 -8.37
N ASN B 216 -0.25 0.91 -7.37
CA ASN B 216 -1.31 0.29 -6.56
C ASN B 216 -2.61 0.20 -7.36
N VAL B 217 -3.16 -1.00 -7.38
CA VAL B 217 -4.46 -1.26 -7.97
C VAL B 217 -5.51 -1.08 -6.85
N LEU B 218 -6.30 -0.01 -6.97
CA LEU B 218 -7.18 0.44 -5.91
C LEU B 218 -8.51 -0.33 -5.84
N GLY B 219 -9.04 -0.67 -7.01
CA GLY B 219 -10.36 -1.31 -7.16
C GLY B 219 -10.94 -0.95 -8.53
N ARG B 220 -12.13 -1.47 -8.81
CA ARG B 220 -12.71 -1.35 -10.13
C ARG B 220 -13.57 -0.12 -10.19
N ILE B 221 -13.77 0.42 -11.38
CA ILE B 221 -14.84 1.37 -11.57
C ILE B 221 -16.16 0.69 -11.17
N LYS B 222 -17.05 1.41 -10.49
CA LYS B 222 -18.33 0.88 -10.04
C LYS B 222 -19.27 0.59 -11.21
N GLU B 223 -19.88 -0.59 -11.23
CA GLU B 223 -20.74 -1.02 -12.36
C GLU B 223 -21.80 0.02 -12.71
N GLU B 224 -22.26 0.74 -11.69
CA GLU B 224 -23.33 1.73 -11.86
C GLU B 224 -23.03 2.76 -12.95
N TYR B 225 -21.76 2.92 -13.29
CA TYR B 225 -21.41 3.91 -14.32
C TYR B 225 -21.59 3.34 -15.75
N GLY B 226 -21.91 2.06 -15.86
CA GLY B 226 -22.09 1.41 -17.19
C GLY B 226 -20.84 1.55 -18.07
N LEU B 227 -19.65 1.36 -17.49
CA LEU B 227 -18.42 1.56 -18.25
C LEU B 227 -17.53 0.34 -18.22
N GLY B 228 -17.94 -0.68 -17.47
CA GLY B 228 -17.15 -1.90 -17.36
C GLY B 228 -16.34 -1.86 -16.07
N ASP B 229 -15.89 -3.01 -15.62
CA ASP B 229 -15.16 -3.12 -14.35
C ASP B 229 -13.65 -2.95 -14.50
N ILE B 230 -13.27 -1.84 -15.13
CA ILE B 230 -11.88 -1.51 -15.40
C ILE B 230 -11.20 -1.16 -14.07
N PRO B 231 -9.99 -1.68 -13.80
CA PRO B 231 -9.31 -1.28 -12.54
C PRO B 231 -8.78 0.17 -12.60
N VAL B 232 -8.77 0.82 -11.43
CA VAL B 232 -8.29 2.18 -11.30
C VAL B 232 -6.93 2.09 -10.65
N VAL B 233 -5.89 2.67 -11.27
CA VAL B 233 -4.53 2.50 -10.76
C VAL B 233 -4.07 3.81 -10.07
N ASN B 234 -3.46 3.76 -8.89
CA ASN B 234 -2.85 5.01 -8.39
C ASN B 234 -1.50 5.17 -9.11
N VAL B 235 -1.36 6.17 -9.96
CA VAL B 235 -0.10 6.40 -10.65
C VAL B 235 0.72 7.39 -9.78
N CYS B 236 1.75 8.03 -10.31
CA CYS B 236 2.35 9.16 -9.54
C CYS B 236 1.36 10.27 -9.80
N SER B 237 0.40 10.42 -8.89
CA SER B 237 -0.80 11.13 -9.19
C SER B 237 -0.61 12.61 -9.08
N HIS B 238 0.54 13.07 -8.62
CA HIS B 238 0.85 14.48 -8.72
C HIS B 238 1.43 14.66 -10.12
N ASP B 239 0.83 15.52 -10.94
CA ASP B 239 1.25 15.68 -12.32
C ASP B 239 2.77 15.88 -12.53
N THR B 240 3.41 16.67 -11.67
CA THR B 240 4.86 16.94 -11.87
C THR B 240 5.65 15.68 -11.65
N ALA B 241 5.17 14.83 -10.75
CA ALA B 241 5.82 13.56 -10.49
C ALA B 241 5.65 12.62 -11.67
N SER B 242 4.47 12.61 -12.29
CA SER B 242 4.29 11.76 -13.48
C SER B 242 5.23 12.24 -14.60
N ALA B 243 5.34 13.55 -14.80
CA ALA B 243 6.27 14.06 -15.84
C ALA B 243 7.72 13.64 -15.59
N ILE B 244 8.10 13.55 -14.32
CA ILE B 244 9.49 13.28 -13.94
C ILE B 244 9.89 11.85 -14.22
N VAL B 245 8.92 10.93 -14.15
CA VAL B 245 9.11 9.58 -14.65
C VAL B 245 9.79 9.53 -16.06
N SER B 246 9.47 10.48 -16.92
CA SER B 246 9.95 10.41 -18.30
C SER B 246 11.33 11.06 -18.52
N VAL B 247 11.88 11.61 -17.44
CA VAL B 247 13.22 12.22 -17.46
C VAL B 247 14.26 11.12 -17.30
N PRO B 248 15.23 11.04 -18.24
CA PRO B 248 16.20 9.92 -18.16
C PRO B 248 16.93 9.95 -16.82
N LYS B 249 17.25 8.80 -16.27
CA LYS B 249 17.75 8.74 -14.89
C LYS B 249 19.28 8.98 -14.79
N THR B 250 19.90 9.55 -15.84
CA THR B 250 21.34 9.84 -15.83
C THR B 250 21.77 10.87 -14.77
N GLU B 251 22.91 10.62 -14.14
CA GLU B 251 23.39 11.42 -13.00
C GLU B 251 23.57 12.96 -13.19
N GLY B 252 23.98 13.42 -14.35
CA GLY B 252 24.18 14.88 -14.56
C GLY B 252 23.00 15.68 -15.09
N SER B 253 21.78 15.25 -14.75
CA SER B 253 20.59 15.83 -15.37
C SER B 253 19.68 16.45 -14.35
N LEU B 254 19.21 17.64 -14.69
CA LEU B 254 18.21 18.37 -13.95
C LEU B 254 16.97 18.36 -14.81
N PHE B 255 15.86 18.82 -14.23
CA PHE B 255 14.64 19.07 -14.97
C PHE B 255 14.15 20.47 -14.63
N ILE B 256 13.50 21.09 -15.62
CA ILE B 256 13.00 22.44 -15.50
C ILE B 256 11.62 22.50 -16.13
N SER B 257 10.84 23.50 -15.76
CA SER B 257 9.61 23.79 -16.50
C SER B 257 9.30 25.26 -16.35
N SER B 258 8.67 25.85 -17.36
CA SER B 258 8.17 27.24 -17.27
C SER B 258 6.62 27.40 -17.27
N GLY B 259 5.91 26.24 -17.22
CA GLY B 259 4.44 26.19 -17.16
C GLY B 259 3.83 26.66 -15.84
N THR B 260 2.58 26.26 -15.60
CA THR B 260 1.81 26.66 -14.39
C THR B 260 2.57 26.53 -13.03
N TRP B 261 3.17 25.37 -12.76
CA TRP B 261 4.03 25.15 -11.58
C TRP B 261 5.47 25.10 -12.09
N SER B 262 6.09 26.28 -12.18
CA SER B 262 7.37 26.44 -12.84
C SER B 262 8.48 26.33 -11.83
N LEU B 263 9.57 25.68 -12.23
CA LEU B 263 10.51 25.15 -11.27
C LEU B 263 11.79 24.63 -11.93
N VAL B 264 12.79 24.36 -11.10
CA VAL B 264 13.95 23.58 -11.49
C VAL B 264 14.22 22.52 -10.42
N GLY B 265 14.56 21.33 -10.84
CA GLY B 265 14.81 20.30 -9.84
C GLY B 265 15.70 19.19 -10.25
N VAL B 266 15.95 18.29 -9.32
CA VAL B 266 16.81 17.15 -9.52
C VAL B 266 16.18 15.97 -8.76
N GLU B 267 16.51 14.75 -9.18
CA GLU B 267 16.09 13.56 -8.41
C GLU B 267 17.18 13.13 -7.43
N LEU B 268 16.74 12.84 -6.21
CA LEU B 268 17.63 12.43 -5.12
C LEU B 268 17.18 11.13 -4.46
N THR B 269 18.15 10.47 -3.81
CA THR B 269 17.93 9.24 -3.05
C THR B 269 17.27 9.50 -1.69
N SER B 270 17.38 10.71 -1.19
CA SER B 270 16.94 11.04 0.17
C SER B 270 16.71 12.55 0.23
N PRO B 271 15.95 13.03 1.23
CA PRO B 271 15.66 14.44 1.29
C PRO B 271 16.77 15.27 1.98
N ILE B 272 16.88 16.54 1.58
CA ILE B 272 17.75 17.50 2.24
C ILE B 272 16.87 18.46 3.03
N LEU B 273 16.98 18.37 4.36
CA LEU B 273 16.05 19.04 5.27
C LEU B 273 16.72 20.14 6.13
N THR B 274 17.91 20.53 5.72
CA THR B 274 18.78 21.42 6.49
C THR B 274 18.24 22.84 6.59
N THR B 275 18.80 23.61 7.51
CA THR B 275 18.50 25.04 7.63
C THR B 275 18.72 25.78 6.33
N GLU B 276 19.78 25.43 5.61
CA GLU B 276 20.10 26.11 4.35
C GLU B 276 19.08 25.73 3.28
N SER B 277 18.68 24.45 3.27
CA SER B 277 17.62 23.94 2.41
C SER B 277 16.37 24.79 2.59
N PHE B 278 15.98 24.95 3.84
CA PHE B 278 14.86 25.81 4.19
C PHE B 278 15.07 27.24 3.65
N SER B 279 16.21 27.85 3.98
CA SER B 279 16.46 29.27 3.68
C SER B 279 16.42 29.57 2.21
N TYR B 280 17.13 28.73 1.43
CA TYR B 280 17.27 28.90 0.01
C TYR B 280 15.96 28.61 -0.70
N GLY B 281 15.01 27.96 -0.03
CA GLY B 281 13.66 27.90 -0.61
C GLY B 281 13.30 26.66 -1.42
N PHE B 282 13.99 25.55 -1.16
CA PHE B 282 13.82 24.30 -1.89
C PHE B 282 12.73 23.41 -1.28
N THR B 283 12.21 22.50 -2.10
CA THR B 283 11.08 21.65 -1.75
C THR B 283 11.49 20.20 -1.89
N ASN B 284 11.06 19.38 -0.95
CA ASN B 284 11.25 17.93 -1.02
C ASN B 284 9.93 17.21 -1.32
N GLU B 285 9.71 16.93 -2.58
CA GLU B 285 8.48 16.18 -2.92
C GLU B 285 8.94 14.78 -3.21
N VAL B 286 8.00 13.87 -3.44
CA VAL B 286 8.37 12.48 -3.65
C VAL B 286 7.79 12.00 -4.97
N GLY B 287 8.51 11.12 -5.64
CA GLY B 287 8.03 10.60 -6.91
C GLY B 287 8.22 9.12 -6.93
N LYS B 288 8.26 8.57 -8.14
CA LYS B 288 8.28 7.11 -8.32
C LYS B 288 9.35 6.37 -7.53
N ASP B 289 8.96 5.22 -6.97
CA ASP B 289 9.90 4.34 -6.26
C ASP B 289 10.57 5.05 -5.06
N GLY B 290 9.85 6.02 -4.51
CA GLY B 290 10.34 6.72 -3.32
C GLY B 290 11.48 7.71 -3.50
N VAL B 291 11.87 8.00 -4.75
CA VAL B 291 12.81 9.08 -5.06
C VAL B 291 12.30 10.42 -4.53
N ILE B 292 13.24 11.23 -4.03
CA ILE B 292 12.94 12.62 -3.68
C ILE B 292 13.11 13.46 -4.94
N THR B 293 12.10 14.26 -5.29
CA THR B 293 12.25 15.31 -6.29
C THR B 293 12.59 16.60 -5.52
N PHE B 294 13.85 16.98 -5.56
CA PHE B 294 14.38 18.14 -4.85
C PHE B 294 14.29 19.34 -5.77
N LEU B 295 13.37 20.26 -5.49
CA LEU B 295 13.16 21.34 -6.44
C LEU B 295 13.02 22.72 -5.84
N LYS B 296 13.03 23.73 -6.70
CA LYS B 296 12.72 25.10 -6.27
C LYS B 296 11.72 25.65 -7.26
N ASN B 297 10.53 26.00 -6.79
CA ASN B 297 9.59 26.68 -7.65
C ASN B 297 10.10 28.08 -7.90
N CYS B 298 10.02 28.50 -9.16
CA CYS B 298 10.59 29.72 -9.71
C CYS B 298 9.44 30.56 -10.31
N THR B 299 9.72 31.74 -10.86
CA THR B 299 8.69 32.48 -11.61
CA THR B 299 8.69 32.47 -11.62
C THR B 299 8.65 31.96 -13.04
N GLY B 300 7.47 31.56 -13.50
CA GLY B 300 7.33 30.98 -14.82
C GLY B 300 7.20 32.06 -15.86
N LEU B 301 6.98 31.62 -17.09
CA LEU B 301 6.79 32.51 -18.23
C LEU B 301 5.55 33.45 -18.11
N TRP B 302 4.80 33.33 -17.00
CA TRP B 302 3.52 34.03 -16.74
CA TRP B 302 3.52 34.03 -16.89
C TRP B 302 3.63 35.55 -16.76
N ILE B 303 4.79 36.06 -16.38
CA ILE B 303 4.99 37.52 -16.44
C ILE B 303 4.99 37.99 -17.92
N ILE B 304 5.54 37.19 -18.83
CA ILE B 304 5.56 37.59 -20.25
C ILE B 304 4.11 37.77 -20.71
N GLU B 305 3.27 36.82 -20.32
CA GLU B 305 1.86 36.79 -20.68
C GLU B 305 1.02 37.96 -20.15
N GLU B 306 1.22 38.34 -18.90
CA GLU B 306 0.55 39.55 -18.38
C GLU B 306 0.97 40.80 -19.16
N LEU B 307 2.25 40.88 -19.50
CA LEU B 307 2.81 41.99 -20.26
C LEU B 307 2.29 42.01 -21.71
N ARG B 308 2.22 40.84 -22.34
CA ARG B 308 1.58 40.67 -23.64
C ARG B 308 0.18 41.28 -23.60
N ARG B 309 -0.68 40.72 -22.73
CA ARG B 309 -2.06 41.17 -22.59
C ARG B 309 -2.15 42.68 -22.36
N SER B 310 -1.28 43.18 -21.49
CA SER B 310 -1.24 44.60 -21.14
C SER B 310 -0.77 45.49 -22.31
N PHE B 311 0.25 45.05 -23.04
CA PHE B 311 0.67 45.79 -24.24
C PHE B 311 -0.46 45.81 -25.25
N GLU B 312 -1.05 44.64 -25.48
CA GLU B 312 -2.11 44.46 -26.47
C GLU B 312 -3.19 45.52 -26.32
N ARG B 313 -3.71 45.69 -25.10
CA ARG B 313 -4.71 46.71 -24.80
C ARG B 313 -4.33 48.04 -25.41
N ARG B 314 -3.20 48.58 -24.97
CA ARG B 314 -2.74 49.93 -25.30
C ARG B 314 -2.49 50.17 -26.80
N GLY B 315 -3.07 49.31 -27.64
CA GLY B 315 -3.01 49.50 -29.09
C GLY B 315 -2.21 48.41 -29.81
N LYS B 316 -1.00 48.15 -29.30
CA LYS B 316 -0.04 47.22 -29.89
C LYS B 316 -0.30 45.77 -29.48
N ALA B 317 -0.43 44.89 -30.47
CA ALA B 317 -0.50 43.44 -30.22
C ALA B 317 0.74 42.74 -30.75
N TYR B 318 1.36 41.93 -29.89
CA TYR B 318 2.56 41.20 -30.25
C TYR B 318 2.28 39.72 -30.14
N SER B 319 2.96 38.93 -30.96
CA SER B 319 2.94 37.47 -30.80
C SER B 319 4.29 37.00 -30.26
N PHE B 320 4.29 35.84 -29.61
CA PHE B 320 5.54 35.25 -29.09
C PHE B 320 6.64 35.37 -30.14
N ASP B 321 6.27 35.13 -31.39
CA ASP B 321 7.16 35.31 -32.53
C ASP B 321 7.74 36.74 -32.65
N ASP B 322 6.91 37.77 -32.40
CA ASP B 322 7.36 39.18 -32.47
C ASP B 322 8.25 39.62 -31.27
N ILE B 323 7.81 39.26 -30.07
CA ILE B 323 8.60 39.42 -28.85
C ILE B 323 10.05 38.95 -29.09
N ARG B 324 10.17 37.75 -29.66
CA ARG B 324 11.45 37.13 -29.97
C ARG B 324 12.48 38.02 -30.69
N THR B 325 12.07 38.70 -31.77
CA THR B 325 13.02 39.52 -32.56
C THR B 325 13.32 40.87 -31.92
N MET B 326 12.34 41.42 -31.22
CA MET B 326 12.51 42.65 -30.45
C MET B 326 13.59 42.47 -29.39
N VAL B 327 13.54 41.32 -28.70
CA VAL B 327 14.45 40.99 -27.60
C VAL B 327 15.89 40.81 -28.10
N GLU B 328 16.08 39.95 -29.11
CA GLU B 328 17.39 39.75 -29.73
C GLU B 328 17.95 41.03 -30.35
N LYS B 329 17.05 41.88 -30.86
CA LYS B 329 17.40 43.19 -31.38
C LYS B 329 18.11 44.00 -30.30
N GLU B 330 17.62 43.91 -29.06
CA GLU B 330 18.13 44.71 -27.94
C GLU B 330 19.51 44.28 -27.50
N LYS B 331 20.50 45.11 -27.83
CA LYS B 331 21.89 44.85 -27.44
C LYS B 331 22.19 45.47 -26.09
N GLU B 332 21.40 46.48 -25.70
CA GLU B 332 21.61 47.18 -24.43
C GLU B 332 21.58 46.24 -23.20
N ASN B 333 22.49 46.51 -22.25
CA ASN B 333 22.58 45.77 -20.98
C ASN B 333 21.68 46.39 -19.90
N LEU B 334 20.48 45.83 -19.78
CA LEU B 334 19.38 46.45 -19.05
C LEU B 334 19.30 45.99 -17.59
N PRO B 335 18.41 46.63 -16.79
CA PRO B 335 18.19 46.19 -15.43
C PRO B 335 17.70 44.74 -15.33
N LEU B 336 18.30 44.02 -14.39
CA LEU B 336 17.90 42.67 -14.00
C LEU B 336 17.05 42.79 -12.74
N ILE B 337 15.75 42.56 -12.86
CA ILE B 337 14.88 42.56 -11.69
C ILE B 337 14.99 41.26 -10.91
N ASP B 338 14.81 41.32 -9.58
CA ASP B 338 14.73 40.12 -8.79
C ASP B 338 13.29 39.65 -8.85
N THR B 339 13.01 38.75 -9.77
CA THR B 339 11.63 38.37 -10.06
C THR B 339 10.96 37.81 -8.82
N GLU B 340 11.69 36.97 -8.09
CA GLU B 340 11.12 36.29 -6.92
C GLU B 340 10.68 37.22 -5.78
N SER B 341 11.26 38.41 -5.69
CA SER B 341 10.86 39.32 -4.62
C SER B 341 9.70 40.22 -5.06
N THR B 342 9.50 40.37 -6.37
CA THR B 342 8.51 41.34 -6.87
C THR B 342 7.13 41.04 -6.27
N GLU B 343 6.37 42.10 -5.98
CA GLU B 343 4.99 41.95 -5.50
C GLU B 343 4.05 42.48 -6.57
N PHE B 344 3.72 41.60 -7.50
CA PHE B 344 2.85 41.93 -8.62
C PHE B 344 1.37 41.93 -8.22
N ALA B 345 0.70 43.05 -8.41
CA ALA B 345 -0.74 43.13 -8.14
C ALA B 345 -1.53 42.62 -9.35
N THR B 346 -2.14 41.46 -9.14
CA THR B 346 -2.88 40.72 -10.15
C THR B 346 -3.72 41.58 -11.11
N GLU B 347 -4.40 42.61 -10.58
CA GLU B 347 -5.34 43.40 -11.39
C GLU B 347 -4.77 44.75 -11.87
N SER B 348 -3.47 44.94 -11.67
CA SER B 348 -2.82 46.14 -12.18
C SER B 348 -2.54 45.95 -13.65
N ASP B 349 -2.30 47.05 -14.35
CA ASP B 349 -1.57 47.00 -15.59
C ASP B 349 -0.15 46.52 -15.25
N MET B 350 0.27 45.39 -15.82
CA MET B 350 1.64 44.91 -15.64
C MET B 350 2.66 45.96 -16.12
N HIS B 351 2.29 46.73 -17.15
CA HIS B 351 3.20 47.73 -17.74
C HIS B 351 3.38 48.90 -16.77
N LYS B 352 2.34 49.16 -15.98
CA LYS B 352 2.38 50.15 -14.93
C LYS B 352 3.25 49.61 -13.84
N THR B 353 2.90 48.42 -13.33
CA THR B 353 3.68 47.67 -12.34
C THR B 353 5.17 47.58 -12.67
N LEU B 354 5.47 47.17 -13.88
CA LEU B 354 6.87 46.96 -14.28
C LEU B 354 7.66 48.27 -14.31
N THR B 355 7.04 49.29 -14.89
CA THR B 355 7.72 50.57 -15.12
C THR B 355 7.98 51.30 -13.79
N GLU B 356 7.00 51.20 -12.89
CA GLU B 356 7.08 51.73 -11.53
C GLU B 356 8.14 51.01 -10.72
N TYR B 357 8.16 49.68 -10.82
CA TYR B 357 9.20 48.86 -10.18
C TYR B 357 10.61 49.25 -10.62
N LEU B 358 10.83 49.31 -11.92
CA LEU B 358 12.15 49.66 -12.39
C LEU B 358 12.56 51.06 -11.93
N ALA B 359 11.64 52.02 -11.95
CA ALA B 359 11.95 53.39 -11.49
C ALA B 359 12.26 53.44 -9.97
N TYR B 360 11.59 52.60 -9.18
CA TYR B 360 11.81 52.65 -7.73
C TYR B 360 13.09 51.99 -7.33
N HIS B 361 13.51 50.99 -8.11
CA HIS B 361 14.55 50.09 -7.65
C HIS B 361 15.75 50.02 -8.55
N HIS B 362 15.67 50.63 -9.73
CA HIS B 362 16.75 50.55 -10.74
C HIS B 362 16.96 51.87 -11.48
N GLU B 363 16.03 52.28 -12.35
CA GLU B 363 16.11 53.57 -13.09
C GLU B 363 14.83 53.96 -13.85
N THR B 364 14.63 55.27 -14.02
CA THR B 364 13.49 55.81 -14.78
C THR B 364 13.83 56.05 -16.24
N ARG B 365 13.01 55.52 -17.14
CA ARG B 365 12.96 55.94 -18.53
C ARG B 365 11.60 55.57 -19.10
N GLU B 366 11.28 56.06 -20.30
CA GLU B 366 10.08 55.63 -21.03
C GLU B 366 10.40 54.38 -21.87
N TRP B 367 10.57 53.24 -21.20
CA TRP B 367 11.10 52.00 -21.83
C TRP B 367 10.32 51.60 -23.07
N THR B 368 11.02 51.01 -24.04
CA THR B 368 10.32 50.47 -25.18
C THR B 368 9.65 49.16 -24.80
N ASP B 369 8.85 48.67 -25.73
CA ASP B 369 8.21 47.39 -25.58
C ASP B 369 9.31 46.35 -25.50
N GLY B 370 10.23 46.42 -26.45
CA GLY B 370 11.33 45.48 -26.53
C GLY B 370 12.31 45.53 -25.40
N GLN B 371 12.52 46.72 -24.84
CA GLN B 371 13.39 46.83 -23.68
C GLN B 371 12.73 46.09 -22.51
N LEU B 372 11.43 46.25 -22.39
CA LEU B 372 10.64 45.63 -21.36
C LEU B 372 10.69 44.10 -21.47
N PHE B 373 10.24 43.54 -22.59
CA PHE B 373 10.30 42.08 -22.75
C PHE B 373 11.68 41.52 -22.42
N LYS B 374 12.73 42.18 -22.89
CA LYS B 374 14.11 41.76 -22.64
C LYS B 374 14.40 41.76 -21.13
N ILE B 375 13.91 42.78 -20.44
CA ILE B 375 14.16 42.86 -18.99
C ILE B 375 13.51 41.64 -18.32
N VAL B 376 12.23 41.42 -18.60
CA VAL B 376 11.53 40.27 -18.03
C VAL B 376 12.23 38.95 -18.38
N TYR B 377 12.56 38.74 -19.65
CA TYR B 377 13.16 37.46 -20.10
C TYR B 377 14.48 37.15 -19.42
N GLU B 378 15.37 38.14 -19.46
CA GLU B 378 16.68 38.00 -18.84
C GLU B 378 16.55 37.79 -17.35
N SER B 379 15.63 38.55 -16.72
CA SER B 379 15.45 38.42 -15.28
C SER B 379 14.97 37.02 -14.95
N LEU B 380 14.08 36.49 -15.78
CA LEU B 380 13.49 35.20 -15.54
C LEU B 380 14.54 34.10 -15.61
N ALA B 381 15.33 34.15 -16.67
CA ALA B 381 16.44 33.22 -16.85
C ALA B 381 17.43 33.32 -15.69
N GLU B 382 17.66 34.55 -15.20
CA GLU B 382 18.60 34.75 -14.10
C GLU B 382 18.12 34.03 -12.83
N THR B 383 16.82 34.09 -12.57
CA THR B 383 16.22 33.33 -11.47
C THR B 383 16.53 31.83 -11.60
N TYR B 384 16.26 31.24 -12.77
CA TYR B 384 16.55 29.83 -12.94
C TYR B 384 18.05 29.57 -12.84
N ARG B 385 18.86 30.50 -13.35
CA ARG B 385 20.31 30.40 -13.17
C ARG B 385 20.62 30.34 -11.71
N LYS B 386 20.15 31.33 -10.94
CA LYS B 386 20.50 31.39 -9.53
C LYS B 386 20.01 30.16 -8.77
N ALA B 387 18.86 29.61 -9.14
CA ALA B 387 18.35 28.45 -8.39
C ALA B 387 19.18 27.20 -8.73
N ILE B 388 19.66 27.11 -9.98
CA ILE B 388 20.53 26.00 -10.40
C ILE B 388 21.87 26.07 -9.63
N GLU B 389 22.41 27.29 -9.44
CA GLU B 389 23.60 27.48 -8.58
C GLU B 389 23.37 27.03 -7.11
N LEU B 390 22.25 27.43 -6.50
CA LEU B 390 21.93 27.01 -5.14
C LEU B 390 21.73 25.49 -5.00
N LEU B 391 21.10 24.91 -6.00
CA LEU B 391 20.84 23.48 -6.03
C LEU B 391 22.17 22.75 -6.06
N GLU B 392 23.07 23.18 -6.95
CA GLU B 392 24.40 22.58 -7.03
C GLU B 392 25.14 22.72 -5.70
N GLU B 393 25.00 23.85 -5.01
CA GLU B 393 25.54 24.00 -3.66
C GLU B 393 24.96 23.00 -2.59
N LEU B 394 23.65 22.89 -2.47
CA LEU B 394 23.03 21.92 -1.51
C LEU B 394 23.36 20.45 -1.78
N THR B 395 23.44 20.06 -3.05
CA THR B 395 23.64 18.65 -3.39
C THR B 395 25.10 18.31 -3.73
N HIS B 396 25.99 19.28 -3.53
CA HIS B 396 27.44 19.04 -3.66
C HIS B 396 27.82 18.46 -5.01
N LYS B 397 27.12 18.87 -6.06
CA LYS B 397 27.32 18.30 -7.39
C LYS B 397 27.09 19.36 -8.49
N VAL B 398 27.83 19.28 -9.61
CA VAL B 398 27.55 20.08 -10.82
C VAL B 398 26.83 19.22 -11.88
N TYR B 399 25.89 19.82 -12.61
CA TYR B 399 25.12 19.10 -13.63
C TYR B 399 25.47 19.53 -15.04
N LYS B 400 25.27 18.65 -15.99
CA LYS B 400 25.60 18.94 -17.37
C LYS B 400 24.38 19.36 -18.20
N ARG B 401 23.20 18.83 -17.85
CA ARG B 401 22.09 18.99 -18.78
C ARG B 401 20.73 19.18 -18.10
N ILE B 402 19.84 19.85 -18.84
CA ILE B 402 18.50 20.21 -18.36
C ILE B 402 17.43 19.65 -19.32
N TYR B 403 16.55 18.80 -18.78
CA TYR B 403 15.41 18.27 -19.49
C TYR B 403 14.17 19.11 -19.16
N VAL B 404 13.54 19.71 -20.18
CA VAL B 404 12.42 20.61 -19.98
C VAL B 404 11.12 19.77 -19.93
N ILE B 405 10.42 19.78 -18.79
CA ILE B 405 9.16 19.04 -18.70
C ILE B 405 7.97 19.98 -18.83
N GLY B 406 6.86 19.47 -19.37
CA GLY B 406 5.66 20.32 -19.54
C GLY B 406 5.55 21.27 -20.72
N GLY B 407 4.49 22.08 -20.64
CA GLY B 407 4.05 22.95 -21.74
C GLY B 407 5.08 23.94 -22.22
N GLY B 408 4.84 24.50 -23.40
CA GLY B 408 5.73 25.49 -23.96
C GLY B 408 6.24 25.10 -25.33
N ALA B 409 5.36 25.20 -26.32
CA ALA B 409 5.80 25.40 -27.69
C ALA B 409 6.11 26.90 -27.76
N ARG B 410 5.29 27.69 -27.05
CA ARG B 410 5.47 29.12 -26.92
C ARG B 410 6.70 29.48 -26.07
N ALA B 411 7.30 28.47 -25.42
CA ALA B 411 8.49 28.71 -24.60
C ALA B 411 9.77 28.18 -25.26
N SER B 412 9.78 28.21 -26.59
CA SER B 412 10.97 27.97 -27.39
C SER B 412 12.12 28.92 -27.02
N TYR B 413 11.89 30.23 -27.16
CA TYR B 413 12.91 31.23 -26.95
C TYR B 413 13.46 31.23 -25.52
N PHE B 414 12.60 31.02 -24.54
CA PHE B 414 13.05 31.02 -23.15
C PHE B 414 14.03 29.87 -22.92
N ASN B 415 13.67 28.71 -23.43
CA ASN B 415 14.49 27.51 -23.30
C ASN B 415 15.89 27.72 -23.88
N GLN B 416 15.98 28.50 -24.98
CA GLN B 416 17.30 28.83 -25.58
C GLN B 416 18.10 29.73 -24.64
N MET B 417 17.40 30.67 -24.03
CA MET B 417 18.03 31.57 -23.06
C MET B 417 18.51 30.87 -21.80
N ILE B 418 17.79 29.86 -21.32
CA ILE B 418 18.28 29.09 -20.17
C ILE B 418 19.57 28.41 -20.57
N ALA B 419 19.59 27.81 -21.77
CA ALA B 419 20.83 27.21 -22.30
C ALA B 419 21.95 28.23 -22.21
N ASP B 420 21.66 29.46 -22.66
CA ASP B 420 22.63 30.58 -22.73
C ASP B 420 23.09 31.07 -21.37
N ARG B 421 22.16 31.17 -20.42
CA ARG B 421 22.48 31.79 -19.11
C ARG B 421 23.09 30.83 -18.13
N THR B 422 22.75 29.55 -18.28
CA THR B 422 23.26 28.48 -17.40
C THR B 422 24.55 27.82 -17.89
N GLY B 423 24.79 27.84 -19.19
CA GLY B 423 25.90 27.09 -19.78
C GLY B 423 25.70 25.58 -19.80
N LYS B 424 24.45 25.11 -19.74
CA LYS B 424 24.20 23.67 -19.77
C LYS B 424 23.43 23.27 -21.04
N GLU B 425 23.51 22.01 -21.42
CA GLU B 425 22.76 21.47 -22.55
C GLU B 425 21.26 21.38 -22.16
N VAL B 426 20.38 22.04 -22.92
CA VAL B 426 18.94 22.10 -22.62
C VAL B 426 18.12 21.28 -23.62
N LEU B 427 17.49 20.20 -23.14
CA LEU B 427 16.83 19.19 -24.00
C LEU B 427 15.30 19.18 -24.00
N THR B 428 14.77 19.37 -25.20
CA THR B 428 13.38 19.62 -25.48
C THR B 428 12.81 18.36 -26.19
N GLY B 429 11.50 18.18 -26.20
CA GLY B 429 10.91 16.94 -26.75
C GLY B 429 10.30 15.97 -25.75
N LEU B 430 9.92 16.49 -24.58
CA LEU B 430 9.19 15.69 -23.58
C LEU B 430 7.78 16.26 -23.40
N THR B 431 7.16 16.76 -24.46
CA THR B 431 5.83 17.35 -24.30
C THR B 431 4.84 16.35 -23.69
N GLU B 432 5.04 15.08 -23.97
CA GLU B 432 4.11 14.06 -23.46
C GLU B 432 4.56 13.31 -22.20
N ALA B 433 5.43 13.94 -21.42
CA ALA B 433 6.07 13.32 -20.26
C ALA B 433 5.08 12.96 -19.12
N THR B 434 4.14 13.85 -18.84
CA THR B 434 3.11 13.57 -17.83
C THR B 434 2.27 12.38 -18.25
N ALA B 435 1.67 12.47 -19.43
CA ALA B 435 0.95 11.34 -19.99
C ALA B 435 1.81 10.07 -19.98
N VAL B 436 3.04 10.14 -20.49
CA VAL B 436 3.93 8.97 -20.59
C VAL B 436 4.20 8.34 -19.22
N GLY B 437 4.52 9.18 -18.25
CA GLY B 437 4.79 8.70 -16.87
C GLY B 437 3.59 7.99 -16.27
N ASN B 438 2.41 8.58 -16.43
CA ASN B 438 1.12 7.98 -16.00
C ASN B 438 0.92 6.66 -16.74
N ILE B 439 1.02 6.72 -18.06
CA ILE B 439 0.86 5.53 -18.92
C ILE B 439 1.79 4.43 -18.49
N VAL B 440 3.04 4.78 -18.24
CA VAL B 440 4.03 3.77 -18.03
C VAL B 440 3.86 3.07 -16.68
N VAL B 441 3.45 3.79 -15.63
CA VAL B 441 3.19 3.12 -14.32
C VAL B 441 2.06 2.09 -14.42
N GLN B 442 0.99 2.48 -15.10
CA GLN B 442 -0.14 1.59 -15.42
C GLN B 442 0.25 0.33 -16.19
N LEU B 443 1.13 0.47 -17.17
CA LEU B 443 1.53 -0.68 -17.98
C LEU B 443 2.30 -1.70 -17.15
N ILE B 444 3.21 -1.20 -16.30
CA ILE B 444 3.87 -2.10 -15.37
C ILE B 444 2.86 -2.77 -14.45
N ALA B 445 1.95 -1.96 -13.89
CA ALA B 445 1.03 -2.50 -12.90
C ALA B 445 0.15 -3.56 -13.53
N MET B 446 -0.24 -3.34 -14.78
CA MET B 446 -1.17 -4.29 -15.42
C MET B 446 -0.53 -5.56 -16.04
N GLY B 447 0.74 -5.78 -15.73
CA GLY B 447 1.47 -6.94 -16.22
C GLY B 447 2.02 -6.74 -17.61
N GLN B 448 1.51 -5.73 -18.30
CA GLN B 448 1.92 -5.43 -19.67
C GLN B 448 3.44 -5.24 -19.85
N LEU B 449 4.06 -4.50 -18.94
CA LEU B 449 5.53 -4.41 -18.85
C LEU B 449 5.98 -5.02 -17.54
N LYS B 450 7.08 -5.74 -17.59
CA LYS B 450 7.72 -6.14 -16.36
C LYS B 450 8.75 -5.05 -16.06
N GLY B 451 8.46 -4.27 -15.01
CA GLY B 451 9.46 -3.40 -14.40
C GLY B 451 9.87 -2.16 -15.15
N MET B 452 10.53 -1.27 -14.41
CA MET B 452 10.94 0.04 -14.89
C MET B 452 12.12 0.10 -15.87
N GLU B 453 12.91 -0.99 -15.96
CA GLU B 453 14.04 -1.07 -16.89
C GLU B 453 13.57 -1.22 -18.34
N GLU B 454 12.63 -2.15 -18.56
CA GLU B 454 11.90 -2.22 -19.83
C GLU B 454 11.36 -0.83 -20.09
N ALA B 455 10.57 -0.35 -19.13
CA ALA B 455 9.90 0.93 -19.20
C ALA B 455 10.85 2.02 -19.61
N HIS B 456 12.10 1.93 -19.17
CA HIS B 456 13.13 2.90 -19.56
C HIS B 456 13.45 2.87 -21.05
N HIS B 457 13.63 1.68 -21.61
CA HIS B 457 13.94 1.58 -23.05
C HIS B 457 12.77 2.11 -23.87
N VAL B 458 11.57 1.61 -23.58
CA VAL B 458 10.33 2.03 -24.26
C VAL B 458 10.23 3.56 -24.24
N ILE B 459 10.44 4.17 -23.07
CA ILE B 459 10.40 5.63 -22.99
C ILE B 459 11.54 6.22 -23.85
N GLU B 460 12.71 5.57 -23.80
CA GLU B 460 13.86 6.04 -24.58
C GLU B 460 13.53 6.03 -26.05
N GLU B 461 13.05 4.90 -26.55
CA GLU B 461 12.65 4.80 -27.96
C GLU B 461 11.50 5.76 -28.31
N PHE B 462 10.51 5.87 -27.42
CA PHE B 462 9.37 6.76 -27.68
C PHE B 462 9.78 8.21 -27.95
N LEU B 463 10.62 8.78 -27.09
CA LEU B 463 10.97 10.21 -27.18
C LEU B 463 11.98 10.45 -28.29
N GLN B 464 11.94 11.67 -28.84
CA GLN B 464 12.89 12.18 -29.83
C GLN B 464 13.29 13.58 -29.37
N LEU B 465 14.45 13.69 -28.73
CA LEU B 465 14.83 14.93 -28.06
C LEU B 465 15.48 15.91 -29.03
N GLU B 466 15.41 17.20 -28.75
CA GLU B 466 16.24 18.20 -29.42
C GLU B 466 17.09 18.93 -28.36
N SER B 467 18.24 19.48 -28.77
CA SER B 467 19.21 20.13 -27.84
C SER B 467 19.53 21.59 -28.15
N TYR B 468 19.41 22.45 -27.14
CA TYR B 468 19.87 23.83 -27.25
C TYR B 468 21.15 23.99 -26.45
N TYR B 469 22.07 24.77 -27.02
CA TYR B 469 23.38 25.08 -26.42
C TYR B 469 23.61 26.58 -26.46
N SER B 470 24.41 27.07 -25.49
CA SER B 470 24.76 28.49 -25.35
C SER B 470 25.17 29.10 -26.69
N GLN B 471 24.83 30.37 -26.88
CA GLN B 471 25.16 31.07 -28.09
C GLN B 471 25.65 32.45 -27.72
N LYS B 472 26.52 32.99 -28.57
CA LYS B 472 26.88 34.42 -28.59
C LYS B 472 28.33 34.63 -29.02
C1 EDO C . 26.44 11.40 -16.27
O1 EDO C . 25.81 10.23 -16.75
C2 EDO C . 25.77 12.38 -17.16
O2 EDO C . 24.42 12.47 -16.68
#